data_1QBF
# 
_entry.id   1QBF 
# 
_audit_conform.dict_name       mmcif_pdbx.dic 
_audit_conform.dict_version    5.398 
_audit_conform.dict_location   http://mmcif.pdb.org/dictionaries/ascii/mmcif_pdbx.dic 
# 
loop_
_database_2.database_id 
_database_2.database_code 
_database_2.pdbx_database_accession 
_database_2.pdbx_DOI 
PDB   1QBF         pdb_00001qbf 10.2210/pdb1qbf/pdb 
RCSB  RCSB009040   ?            ?                   
WWPDB D_1000009040 ?            ?                   
# 
loop_
_pdbx_audit_revision_history.ordinal 
_pdbx_audit_revision_history.data_content_type 
_pdbx_audit_revision_history.major_revision 
_pdbx_audit_revision_history.minor_revision 
_pdbx_audit_revision_history.revision_date 
1 'Structure model' 1 0 2000-08-16 
2 'Structure model' 1 1 2008-04-27 
3 'Structure model' 1 2 2011-07-13 
4 'Structure model' 1 3 2019-11-13 
5 'Structure model' 1 4 2024-11-13 
# 
_pdbx_audit_revision_details.ordinal             1 
_pdbx_audit_revision_details.revision_ordinal    1 
_pdbx_audit_revision_details.data_content_type   'Structure model' 
_pdbx_audit_revision_details.provider            repository 
_pdbx_audit_revision_details.type                'Initial release' 
_pdbx_audit_revision_details.description         ? 
_pdbx_audit_revision_details.details             ? 
# 
loop_
_pdbx_audit_revision_group.ordinal 
_pdbx_audit_revision_group.revision_ordinal 
_pdbx_audit_revision_group.data_content_type 
_pdbx_audit_revision_group.group 
1 2 'Structure model' 'Version format compliance' 
2 3 'Structure model' 'Version format compliance' 
3 4 'Structure model' 'Derived calculations'      
4 4 'Structure model' 'Structure summary'         
5 5 'Structure model' 'Data collection'           
6 5 'Structure model' 'Database references'       
7 5 'Structure model' 'Derived calculations'      
8 5 'Structure model' 'Structure summary'         
# 
loop_
_pdbx_audit_revision_category.ordinal 
_pdbx_audit_revision_category.revision_ordinal 
_pdbx_audit_revision_category.data_content_type 
_pdbx_audit_revision_category.category 
1  4 'Structure model' pdbx_struct_assembly      
2  4 'Structure model' pdbx_struct_oper_list     
3  4 'Structure model' struct_conn               
4  4 'Structure model' struct_keywords           
5  5 'Structure model' chem_comp_atom            
6  5 'Structure model' chem_comp_bond            
7  5 'Structure model' database_2                
8  5 'Structure model' pdbx_entry_details        
9  5 'Structure model' pdbx_modification_feature 
10 5 'Structure model' struct_site               
# 
loop_
_pdbx_audit_revision_item.ordinal 
_pdbx_audit_revision_item.revision_ordinal 
_pdbx_audit_revision_item.data_content_type 
_pdbx_audit_revision_item.item 
1 4 'Structure model' '_struct_conn.pdbx_leaving_atom_flag' 
2 4 'Structure model' '_struct_keywords.text'               
3 5 'Structure model' '_database_2.pdbx_DOI'                
4 5 'Structure model' '_database_2.pdbx_database_accession' 
5 5 'Structure model' '_struct_site.pdbx_auth_asym_id'      
6 5 'Structure model' '_struct_site.pdbx_auth_comp_id'      
7 5 'Structure model' '_struct_site.pdbx_auth_seq_id'       
# 
_pdbx_database_status.status_code                     REL 
_pdbx_database_status.entry_id                        1QBF 
_pdbx_database_status.recvd_initial_deposition_date   1999-04-16 
_pdbx_database_status.deposit_site                    RCSB 
_pdbx_database_status.process_site                    RCSB 
_pdbx_database_status.status_code_mr                  REL 
_pdbx_database_status.SG_entry                        . 
_pdbx_database_status.pdb_format_compatible           Y 
_pdbx_database_status.status_code_sf                  ? 
_pdbx_database_status.status_code_cs                  ? 
_pdbx_database_status.methods_development_category    ? 
_pdbx_database_status.status_code_nmr_data            ? 
# 
loop_
_audit_author.name 
_audit_author.pdbx_ordinal 
'Keire, D.A.'     1 
'Kobayashi, M.'   2 
'Solomon, T.E.'   3 
'Reeve Jr., J.R.' 4 
# 
_citation.id                        primary 
_citation.title                     
'Solution structure of monomeric peptide YY supports the functional significance of the PP-fold.' 
_citation.journal_abbrev            Biochemistry 
_citation.journal_volume            39 
_citation.page_first                9935 
_citation.page_last                 9942 
_citation.year                      2000 
_citation.journal_id_ASTM           BICHAW 
_citation.country                   US 
_citation.journal_id_ISSN           0006-2960 
_citation.journal_id_CSD            0033 
_citation.book_publisher            ? 
_citation.pdbx_database_id_PubMed   10933813 
_citation.pdbx_database_id_DOI      10.1021/bi992576a 
# 
loop_
_citation_author.citation_id 
_citation_author.name 
_citation_author.ordinal 
_citation_author.identifier_ORCID 
primary 'Keire, D.A.'   1 ? 
primary 'Kobayashi, M.' 2 ? 
primary 'Solomon, T.E.' 3 ? 
primary 'Reeve, J.R.'   4 ? 
# 
_entity.id                         1 
_entity.type                       polymer 
_entity.src_method                 syn 
_entity.pdbx_description           'PEPTIDE YY' 
_entity.formula_weight             4245.690 
_entity.pdbx_number_of_molecules   1 
_entity.pdbx_ec                    ? 
_entity.pdbx_mutation              ? 
_entity.pdbx_fragment              'PORCINE PYY' 
_entity.details                    SYNTHETIC 
# 
_entity_name_com.entity_id   1 
_entity_name_com.name        PYY 
# 
_entity_poly.entity_id                      1 
_entity_poly.type                           'polypeptide(L)' 
_entity_poly.nstd_linkage                   no 
_entity_poly.nstd_monomer                   yes 
_entity_poly.pdbx_seq_one_letter_code       'YPAKPEAPGEDASPEELSRYYASLRHYLNLVTRQRY(NH2)' 
_entity_poly.pdbx_seq_one_letter_code_can   YPAKPEAPGEDASPEELSRYYASLRHYLNLVTRQRYX 
_entity_poly.pdbx_strand_id                 A 
_entity_poly.pdbx_target_identifier         ? 
# 
loop_
_entity_poly_seq.entity_id 
_entity_poly_seq.num 
_entity_poly_seq.mon_id 
_entity_poly_seq.hetero 
1 1  TYR n 
1 2  PRO n 
1 3  ALA n 
1 4  LYS n 
1 5  PRO n 
1 6  GLU n 
1 7  ALA n 
1 8  PRO n 
1 9  GLY n 
1 10 GLU n 
1 11 ASP n 
1 12 ALA n 
1 13 SER n 
1 14 PRO n 
1 15 GLU n 
1 16 GLU n 
1 17 LEU n 
1 18 SER n 
1 19 ARG n 
1 20 TYR n 
1 21 TYR n 
1 22 ALA n 
1 23 SER n 
1 24 LEU n 
1 25 ARG n 
1 26 HIS n 
1 27 TYR n 
1 28 LEU n 
1 29 ASN n 
1 30 LEU n 
1 31 VAL n 
1 32 THR n 
1 33 ARG n 
1 34 GLN n 
1 35 ARG n 
1 36 TYR n 
1 37 NH2 n 
# 
_pdbx_entity_src_syn.entity_id              1 
_pdbx_entity_src_syn.pdbx_src_id            1 
_pdbx_entity_src_syn.pdbx_alt_source_flag   sample 
_pdbx_entity_src_syn.pdbx_beg_seq_num       ? 
_pdbx_entity_src_syn.pdbx_end_seq_num       ? 
_pdbx_entity_src_syn.organism_scientific    ? 
_pdbx_entity_src_syn.organism_common_name   ? 
_pdbx_entity_src_syn.ncbi_taxonomy_id       ? 
_pdbx_entity_src_syn.details                'PORCINE SEQUENCE' 
# 
loop_
_chem_comp.id 
_chem_comp.type 
_chem_comp.mon_nstd_flag 
_chem_comp.name 
_chem_comp.pdbx_synonyms 
_chem_comp.formula 
_chem_comp.formula_weight 
ALA 'L-peptide linking' y ALANINE         ? 'C3 H7 N O2'     89.093  
ARG 'L-peptide linking' y ARGININE        ? 'C6 H15 N4 O2 1' 175.209 
ASN 'L-peptide linking' y ASPARAGINE      ? 'C4 H8 N2 O3'    132.118 
ASP 'L-peptide linking' y 'ASPARTIC ACID' ? 'C4 H7 N O4'     133.103 
GLN 'L-peptide linking' y GLUTAMINE       ? 'C5 H10 N2 O3'   146.144 
GLU 'L-peptide linking' y 'GLUTAMIC ACID' ? 'C5 H9 N O4'     147.129 
GLY 'peptide linking'   y GLYCINE         ? 'C2 H5 N O2'     75.067  
HIS 'L-peptide linking' y HISTIDINE       ? 'C6 H10 N3 O2 1' 156.162 
LEU 'L-peptide linking' y LEUCINE         ? 'C6 H13 N O2'    131.173 
LYS 'L-peptide linking' y LYSINE          ? 'C6 H15 N2 O2 1' 147.195 
NH2 non-polymer         . 'AMINO GROUP'   ? 'H2 N'           16.023  
PRO 'L-peptide linking' y PROLINE         ? 'C5 H9 N O2'     115.130 
SER 'L-peptide linking' y SERINE          ? 'C3 H7 N O3'     105.093 
THR 'L-peptide linking' y THREONINE       ? 'C4 H9 N O3'     119.119 
TYR 'L-peptide linking' y TYROSINE        ? 'C9 H11 N O3'    181.189 
VAL 'L-peptide linking' y VALINE          ? 'C5 H11 N O2'    117.146 
# 
loop_
_pdbx_poly_seq_scheme.asym_id 
_pdbx_poly_seq_scheme.entity_id 
_pdbx_poly_seq_scheme.seq_id 
_pdbx_poly_seq_scheme.mon_id 
_pdbx_poly_seq_scheme.ndb_seq_num 
_pdbx_poly_seq_scheme.pdb_seq_num 
_pdbx_poly_seq_scheme.auth_seq_num 
_pdbx_poly_seq_scheme.pdb_mon_id 
_pdbx_poly_seq_scheme.auth_mon_id 
_pdbx_poly_seq_scheme.pdb_strand_id 
_pdbx_poly_seq_scheme.pdb_ins_code 
_pdbx_poly_seq_scheme.hetero 
A 1 1  TYR 1  1  1  TYR TYR A . n 
A 1 2  PRO 2  2  2  PRO PRO A . n 
A 1 3  ALA 3  3  3  ALA ALA A . n 
A 1 4  LYS 4  4  4  LYS LYS A . n 
A 1 5  PRO 5  5  5  PRO PRO A . n 
A 1 6  GLU 6  6  6  GLU GLU A . n 
A 1 7  ALA 7  7  7  ALA ALA A . n 
A 1 8  PRO 8  8  8  PRO PRO A . n 
A 1 9  GLY 9  9  9  GLY GLY A . n 
A 1 10 GLU 10 10 10 GLU GLU A . n 
A 1 11 ASP 11 11 11 ASP ASP A . n 
A 1 12 ALA 12 12 12 ALA ALA A . n 
A 1 13 SER 13 13 13 SER SER A . n 
A 1 14 PRO 14 14 14 PRO PRO A . n 
A 1 15 GLU 15 15 15 GLU GLU A . n 
A 1 16 GLU 16 16 16 GLU GLU A . n 
A 1 17 LEU 17 17 17 LEU LEU A . n 
A 1 18 SER 18 18 18 SER SER A . n 
A 1 19 ARG 19 19 19 ARG ARG A . n 
A 1 20 TYR 20 20 20 TYR TYR A . n 
A 1 21 TYR 21 21 21 TYR TYR A . n 
A 1 22 ALA 22 22 22 ALA ALA A . n 
A 1 23 SER 23 23 23 SER SER A . n 
A 1 24 LEU 24 24 24 LEU LEU A . n 
A 1 25 ARG 25 25 25 ARG ARG A . n 
A 1 26 HIS 26 26 26 HIS HIS A . n 
A 1 27 TYR 27 27 27 TYR TYR A . n 
A 1 28 LEU 28 28 28 LEU LEU A . n 
A 1 29 ASN 29 29 29 ASN ASN A . n 
A 1 30 LEU 30 30 30 LEU LEU A . n 
A 1 31 VAL 31 31 31 VAL VAL A . n 
A 1 32 THR 32 32 32 THR THR A . n 
A 1 33 ARG 33 33 33 ARG ARG A . n 
A 1 34 GLN 34 34 34 GLN GLN A . n 
A 1 35 ARG 35 35 35 ARG ARG A . n 
A 1 36 TYR 36 36 36 TYR TYR A . n 
A 1 37 NH2 37 37 36 NH2 TYR A . n 
# 
_cell.entry_id           1QBF 
_cell.length_a           1.0 
_cell.length_b           1.0 
_cell.length_c           1.0 
_cell.angle_alpha        90.0 
_cell.angle_beta         90.0 
_cell.angle_gamma        90.0 
_cell.Z_PDB              1 
_cell.pdbx_unique_axis   ? 
# 
_symmetry.entry_id                         1QBF 
_symmetry.space_group_name_H-M             'P 1' 
_symmetry.pdbx_full_space_group_name_H-M   ? 
_symmetry.cell_setting                     ? 
_symmetry.Int_Tables_number                1 
# 
_exptl.entry_id          1QBF 
_exptl.method            'SOLUTION NMR' 
_exptl.crystals_number   ? 
# 
_struct.entry_id                  1QBF 
_struct.title                     'NMR SOLUTION STRUCTURE OF PORCINE PEPTIDE YY' 
_struct.pdbx_model_details        ? 
_struct.pdbx_CASP_flag            ? 
_struct.pdbx_model_type_details   ? 
# 
_struct_keywords.entry_id        1QBF 
_struct_keywords.pdbx_keywords   INHIBITOR/HORMONE 
_struct_keywords.text            'PP-FOLD, PANCREATIC HORMONE, INHIBITOR-HORMONE COMPLEX' 
# 
_struct_asym.id                            A 
_struct_asym.pdbx_blank_PDB_chainid_flag   N 
_struct_asym.pdbx_modified                 N 
_struct_asym.entity_id                     1 
_struct_asym.details                       ? 
# 
_struct_ref.id                         1 
_struct_ref.db_name                    UNP 
_struct_ref.db_code                    PYY_PIG 
_struct_ref.pdbx_db_accession          P68005 
_struct_ref.entity_id                  1 
_struct_ref.pdbx_align_begin           1 
_struct_ref.pdbx_db_isoform            ? 
_struct_ref.pdbx_seq_one_letter_code   ? 
# 
_struct_ref_seq.align_id                      1 
_struct_ref_seq.ref_id                        1 
_struct_ref_seq.pdbx_PDB_id_code              1QBF 
_struct_ref_seq.pdbx_strand_id                A 
_struct_ref_seq.seq_align_beg                 1 
_struct_ref_seq.pdbx_seq_align_beg_ins_code   ? 
_struct_ref_seq.seq_align_end                 36 
_struct_ref_seq.pdbx_seq_align_end_ins_code   ? 
_struct_ref_seq.pdbx_db_accession             P68005 
_struct_ref_seq.db_align_beg                  1 
_struct_ref_seq.pdbx_db_align_beg_ins_code    ? 
_struct_ref_seq.db_align_end                  36 
_struct_ref_seq.pdbx_db_align_end_ins_code    ? 
_struct_ref_seq.pdbx_auth_seq_align_beg       1 
_struct_ref_seq.pdbx_auth_seq_align_end       36 
# 
_pdbx_struct_assembly.id                   1 
_pdbx_struct_assembly.details              author_defined_assembly 
_pdbx_struct_assembly.method_details       ? 
_pdbx_struct_assembly.oligomeric_details   monomeric 
_pdbx_struct_assembly.oligomeric_count     1 
# 
_pdbx_struct_assembly_gen.assembly_id       1 
_pdbx_struct_assembly_gen.oper_expression   1 
_pdbx_struct_assembly_gen.asym_id_list      A 
# 
_pdbx_struct_oper_list.id                   1 
_pdbx_struct_oper_list.type                 'identity operation' 
_pdbx_struct_oper_list.name                 1_555 
_pdbx_struct_oper_list.symmetry_operation   ? 
_pdbx_struct_oper_list.matrix[1][1]         1.0000000000 
_pdbx_struct_oper_list.matrix[1][2]         0.0000000000 
_pdbx_struct_oper_list.matrix[1][3]         0.0000000000 
_pdbx_struct_oper_list.vector[1]            0.0000000000 
_pdbx_struct_oper_list.matrix[2][1]         0.0000000000 
_pdbx_struct_oper_list.matrix[2][2]         1.0000000000 
_pdbx_struct_oper_list.matrix[2][3]         0.0000000000 
_pdbx_struct_oper_list.vector[2]            0.0000000000 
_pdbx_struct_oper_list.matrix[3][1]         0.0000000000 
_pdbx_struct_oper_list.matrix[3][2]         0.0000000000 
_pdbx_struct_oper_list.matrix[3][3]         1.0000000000 
_pdbx_struct_oper_list.vector[3]            0.0000000000 
# 
loop_
_struct_conf.conf_type_id 
_struct_conf.id 
_struct_conf.pdbx_PDB_helix_id 
_struct_conf.beg_label_comp_id 
_struct_conf.beg_label_asym_id 
_struct_conf.beg_label_seq_id 
_struct_conf.pdbx_beg_PDB_ins_code 
_struct_conf.end_label_comp_id 
_struct_conf.end_label_asym_id 
_struct_conf.end_label_seq_id 
_struct_conf.pdbx_end_PDB_ins_code 
_struct_conf.beg_auth_comp_id 
_struct_conf.beg_auth_asym_id 
_struct_conf.beg_auth_seq_id 
_struct_conf.end_auth_comp_id 
_struct_conf.end_auth_asym_id 
_struct_conf.end_auth_seq_id 
_struct_conf.pdbx_PDB_helix_class 
_struct_conf.details 
_struct_conf.pdbx_PDB_helix_length 
HELX_P HELX_P1 1 ALA A 22 ? LEU A 24 ? ALA A 22 LEU A 24 5 ? 3 
HELX_P HELX_P2 2 ARG A 25 ? VAL A 31 ? ARG A 25 VAL A 31 1 ? 7 
# 
_struct_conf_type.id          HELX_P 
_struct_conf_type.criteria    ? 
_struct_conf_type.reference   ? 
# 
_struct_conn.id                            covale1 
_struct_conn.conn_type_id                  covale 
_struct_conn.pdbx_leaving_atom_flag        both 
_struct_conn.pdbx_PDB_id                   ? 
_struct_conn.ptnr1_label_asym_id           A 
_struct_conn.ptnr1_label_comp_id           TYR 
_struct_conn.ptnr1_label_seq_id            36 
_struct_conn.ptnr1_label_atom_id           C 
_struct_conn.pdbx_ptnr1_label_alt_id       ? 
_struct_conn.pdbx_ptnr1_PDB_ins_code       ? 
_struct_conn.pdbx_ptnr1_standard_comp_id   ? 
_struct_conn.ptnr1_symmetry                1_555 
_struct_conn.ptnr2_label_asym_id           A 
_struct_conn.ptnr2_label_comp_id           NH2 
_struct_conn.ptnr2_label_seq_id            37 
_struct_conn.ptnr2_label_atom_id           N 
_struct_conn.pdbx_ptnr2_label_alt_id       ? 
_struct_conn.pdbx_ptnr2_PDB_ins_code       ? 
_struct_conn.ptnr1_auth_asym_id            A 
_struct_conn.ptnr1_auth_comp_id            TYR 
_struct_conn.ptnr1_auth_seq_id             36 
_struct_conn.ptnr2_auth_asym_id            A 
_struct_conn.ptnr2_auth_comp_id            NH2 
_struct_conn.ptnr2_auth_seq_id             37 
_struct_conn.ptnr2_symmetry                1_555 
_struct_conn.pdbx_ptnr3_label_atom_id      ? 
_struct_conn.pdbx_ptnr3_label_seq_id       ? 
_struct_conn.pdbx_ptnr3_label_comp_id      ? 
_struct_conn.pdbx_ptnr3_label_asym_id      ? 
_struct_conn.pdbx_ptnr3_label_alt_id       ? 
_struct_conn.pdbx_ptnr3_PDB_ins_code       ? 
_struct_conn.details                       ? 
_struct_conn.pdbx_dist_value               1.302 
_struct_conn.pdbx_value_order              ? 
_struct_conn.pdbx_role                     ? 
# 
_struct_conn_type.id          covale 
_struct_conn_type.criteria    ? 
_struct_conn_type.reference   ? 
# 
_pdbx_modification_feature.ordinal                            1 
_pdbx_modification_feature.label_comp_id                      NH2 
_pdbx_modification_feature.label_asym_id                      A 
_pdbx_modification_feature.label_seq_id                       37 
_pdbx_modification_feature.label_alt_id                       ? 
_pdbx_modification_feature.modified_residue_label_comp_id     TYR 
_pdbx_modification_feature.modified_residue_label_asym_id     A 
_pdbx_modification_feature.modified_residue_label_seq_id      36 
_pdbx_modification_feature.modified_residue_label_alt_id      ? 
_pdbx_modification_feature.auth_comp_id                       NH2 
_pdbx_modification_feature.auth_asym_id                       A 
_pdbx_modification_feature.auth_seq_id                        37 
_pdbx_modification_feature.PDB_ins_code                       ? 
_pdbx_modification_feature.symmetry                           1_555 
_pdbx_modification_feature.modified_residue_auth_comp_id      TYR 
_pdbx_modification_feature.modified_residue_auth_asym_id      A 
_pdbx_modification_feature.modified_residue_auth_seq_id       36 
_pdbx_modification_feature.modified_residue_PDB_ins_code      ? 
_pdbx_modification_feature.modified_residue_symmetry          1_555 
_pdbx_modification_feature.comp_id_linking_atom               . 
_pdbx_modification_feature.modified_residue_id_linking_atom   . 
_pdbx_modification_feature.modified_residue_id                TYR 
_pdbx_modification_feature.ref_pcm_id                         5 
_pdbx_modification_feature.ref_comp_id                        NH2 
_pdbx_modification_feature.type                               None 
_pdbx_modification_feature.category                           'Terminal amidation' 
# 
_struct_site.id                   AC1 
_struct_site.pdbx_evidence_code   Software 
_struct_site.pdbx_auth_asym_id    A 
_struct_site.pdbx_auth_comp_id    NH2 
_struct_site.pdbx_auth_seq_id     37 
_struct_site.pdbx_auth_ins_code   ? 
_struct_site.pdbx_num_residues    1 
_struct_site.details              'BINDING SITE FOR RESIDUE NH2 A 37' 
# 
_struct_site_gen.id                   1 
_struct_site_gen.site_id              AC1 
_struct_site_gen.pdbx_num_res         1 
_struct_site_gen.label_comp_id        TYR 
_struct_site_gen.label_asym_id        A 
_struct_site_gen.label_seq_id         36 
_struct_site_gen.pdbx_auth_ins_code   ? 
_struct_site_gen.auth_comp_id         TYR 
_struct_site_gen.auth_asym_id         A 
_struct_site_gen.auth_seq_id          36 
_struct_site_gen.label_atom_id        . 
_struct_site_gen.label_alt_id         ? 
_struct_site_gen.symmetry             1_555 
_struct_site_gen.details              ? 
# 
_pdbx_entry_details.entry_id                   1QBF 
_pdbx_entry_details.compound_details           ? 
_pdbx_entry_details.source_details             ? 
_pdbx_entry_details.nonpolymer_details         ? 
_pdbx_entry_details.sequence_details           ? 
_pdbx_entry_details.has_ligand_of_interest     ? 
_pdbx_entry_details.has_protein_modification   Y 
# 
loop_
_pdbx_validate_close_contact.id 
_pdbx_validate_close_contact.PDB_model_num 
_pdbx_validate_close_contact.auth_atom_id_1 
_pdbx_validate_close_contact.auth_asym_id_1 
_pdbx_validate_close_contact.auth_comp_id_1 
_pdbx_validate_close_contact.auth_seq_id_1 
_pdbx_validate_close_contact.PDB_ins_code_1 
_pdbx_validate_close_contact.label_alt_id_1 
_pdbx_validate_close_contact.auth_atom_id_2 
_pdbx_validate_close_contact.auth_asym_id_2 
_pdbx_validate_close_contact.auth_comp_id_2 
_pdbx_validate_close_contact.auth_seq_id_2 
_pdbx_validate_close_contact.PDB_ins_code_2 
_pdbx_validate_close_contact.label_alt_id_2 
_pdbx_validate_close_contact.dist 
1 1 O A SER 18 ? ? H   A TYR 21 ? ? 1.44 
2 1 O A GLU 15 ? ? H   A LEU 17 ? ? 1.59 
3 1 O A LEU 30 ? ? OE1 A GLN 34 ? ? 2.19 
# 
loop_
_pdbx_validate_torsion.id 
_pdbx_validate_torsion.PDB_model_num 
_pdbx_validate_torsion.auth_comp_id 
_pdbx_validate_torsion.auth_asym_id 
_pdbx_validate_torsion.auth_seq_id 
_pdbx_validate_torsion.PDB_ins_code 
_pdbx_validate_torsion.label_alt_id 
_pdbx_validate_torsion.phi 
_pdbx_validate_torsion.psi 
1  1 ALA A 3  ? ? -83.42  -139.65 
2  1 ALA A 7  ? ? 60.84   149.02  
3  1 PRO A 8  ? ? -84.23  -92.78  
4  1 GLU A 10 ? ? 164.99  -19.56  
5  1 SER A 13 ? ? -167.70 -144.58 
6  1 GLU A 16 ? ? 52.42   -62.95  
7  1 SER A 18 ? ? 91.00   87.43   
8  1 ARG A 19 ? ? 35.60   40.16   
9  1 TYR A 20 ? ? 42.96   28.36   
10 1 LEU A 24 ? ? -34.83  -30.28  
11 1 HIS A 26 ? ? -22.88  -59.20  
12 1 TYR A 27 ? ? -29.11  -87.84  
13 1 LEU A 30 ? ? -135.86 -33.69  
14 1 THR A 32 ? ? -40.50  -89.04  
15 1 ARG A 35 ? ? 58.57   156.20  
# 
loop_
_pdbx_validate_planes.id 
_pdbx_validate_planes.PDB_model_num 
_pdbx_validate_planes.auth_comp_id 
_pdbx_validate_planes.auth_asym_id 
_pdbx_validate_planes.auth_seq_id 
_pdbx_validate_planes.PDB_ins_code 
_pdbx_validate_planes.label_alt_id 
_pdbx_validate_planes.rmsd 
_pdbx_validate_planes.type 
1 1 ARG A 25 ? ? 0.173 'SIDE CHAIN' 
2 1 ARG A 33 ? ? 0.257 'SIDE CHAIN' 
3 1 ARG A 35 ? ? 0.310 'SIDE CHAIN' 
# 
_pdbx_nmr_ensemble.entry_id                                      1QBF 
_pdbx_nmr_ensemble.conformers_calculated_total_number            200 
_pdbx_nmr_ensemble.conformers_submitted_total_number             1 
_pdbx_nmr_ensemble.conformer_selection_criteria                  'lowest energy' 
_pdbx_nmr_ensemble.average_constraints_per_residue               ? 
_pdbx_nmr_ensemble.average_constraint_violations_per_residue     ? 
_pdbx_nmr_ensemble.maximum_distance_constraint_violation         ? 
_pdbx_nmr_ensemble.average_distance_constraint_violation         ? 
_pdbx_nmr_ensemble.maximum_upper_distance_constraint_violation   ? 
_pdbx_nmr_ensemble.maximum_lower_distance_constraint_violation   ? 
_pdbx_nmr_ensemble.distance_constraint_violation_method          ? 
_pdbx_nmr_ensemble.maximum_torsion_angle_constraint_violation    ? 
_pdbx_nmr_ensemble.average_torsion_angle_constraint_violation    ? 
_pdbx_nmr_ensemble.torsion_angle_constraint_violation_method     ? 
# 
_pdbx_nmr_representative.entry_id             1QBF 
_pdbx_nmr_representative.conformer_id         1 
_pdbx_nmr_representative.selection_criteria   'lowest energy' 
# 
_pdbx_nmr_sample_details.solution_id      1 
_pdbx_nmr_sample_details.contents         '1 MM PYY, 0.15 M KCL, PH 5.5' 
_pdbx_nmr_sample_details.solvent_system   ? 
# 
_pdbx_nmr_exptl_sample_conditions.conditions_id       1 
_pdbx_nmr_exptl_sample_conditions.temperature         298 
_pdbx_nmr_exptl_sample_conditions.pressure            ? 
_pdbx_nmr_exptl_sample_conditions.pH                  5.5 
_pdbx_nmr_exptl_sample_conditions.ionic_strength      0.15 
_pdbx_nmr_exptl_sample_conditions.pressure_units      ? 
_pdbx_nmr_exptl_sample_conditions.temperature_units   K 
# 
loop_
_pdbx_nmr_exptl.experiment_id 
_pdbx_nmr_exptl.conditions_id 
_pdbx_nmr_exptl.type 
_pdbx_nmr_exptl.solution_id 
1 1 '2D NOESY' 1 
2 1 TOCSY      1 
# 
_pdbx_nmr_details.entry_id   1QBF 
_pdbx_nmr_details.text       'THIS STRUCTURE WAS DETERMINED USING STANDARD HOMONUCLEAR TECHNIQUES' 
# 
_pdbx_nmr_refine.entry_id           1QBF 
_pdbx_nmr_refine.method             'DISTANCE GEOMETRY SIMULATED ANNEALING MOLECULAR DYNAMICS' 
_pdbx_nmr_refine.details            
;THE STRUCTURE IS BASED ON 396 NOE DERIVED RESTRAINTS INCLUDING 9 HYDROGEN  
BONDS INTERPROTON DISTANCES
;
_pdbx_nmr_refine.software_ordinal   1 
# 
loop_
_pdbx_nmr_software.classification 
_pdbx_nmr_software.name 
_pdbx_nmr_software.version 
_pdbx_nmr_software.authors 
_pdbx_nmr_software.ordinal 
'structure solution' X-PLOR 'VERSION 3.0' 'BRUNGER, ET AL.' 1 
refinement           X-PLOR 'VERSION 3.0' 'BRUNGER, ET AL.' 2 
# 
loop_
_chem_comp_atom.comp_id 
_chem_comp_atom.atom_id 
_chem_comp_atom.type_symbol 
_chem_comp_atom.pdbx_aromatic_flag 
_chem_comp_atom.pdbx_stereo_config 
_chem_comp_atom.pdbx_ordinal 
ALA N    N N N 1   
ALA CA   C N S 2   
ALA C    C N N 3   
ALA O    O N N 4   
ALA CB   C N N 5   
ALA OXT  O N N 6   
ALA H    H N N 7   
ALA H2   H N N 8   
ALA HA   H N N 9   
ALA HB1  H N N 10  
ALA HB2  H N N 11  
ALA HB3  H N N 12  
ALA HXT  H N N 13  
ARG N    N N N 14  
ARG CA   C N S 15  
ARG C    C N N 16  
ARG O    O N N 17  
ARG CB   C N N 18  
ARG CG   C N N 19  
ARG CD   C N N 20  
ARG NE   N N N 21  
ARG CZ   C N N 22  
ARG NH1  N N N 23  
ARG NH2  N N N 24  
ARG OXT  O N N 25  
ARG H    H N N 26  
ARG H2   H N N 27  
ARG HA   H N N 28  
ARG HB2  H N N 29  
ARG HB3  H N N 30  
ARG HG2  H N N 31  
ARG HG3  H N N 32  
ARG HD2  H N N 33  
ARG HD3  H N N 34  
ARG HE   H N N 35  
ARG HH11 H N N 36  
ARG HH12 H N N 37  
ARG HH21 H N N 38  
ARG HH22 H N N 39  
ARG HXT  H N N 40  
ASN N    N N N 41  
ASN CA   C N S 42  
ASN C    C N N 43  
ASN O    O N N 44  
ASN CB   C N N 45  
ASN CG   C N N 46  
ASN OD1  O N N 47  
ASN ND2  N N N 48  
ASN OXT  O N N 49  
ASN H    H N N 50  
ASN H2   H N N 51  
ASN HA   H N N 52  
ASN HB2  H N N 53  
ASN HB3  H N N 54  
ASN HD21 H N N 55  
ASN HD22 H N N 56  
ASN HXT  H N N 57  
ASP N    N N N 58  
ASP CA   C N S 59  
ASP C    C N N 60  
ASP O    O N N 61  
ASP CB   C N N 62  
ASP CG   C N N 63  
ASP OD1  O N N 64  
ASP OD2  O N N 65  
ASP OXT  O N N 66  
ASP H    H N N 67  
ASP H2   H N N 68  
ASP HA   H N N 69  
ASP HB2  H N N 70  
ASP HB3  H N N 71  
ASP HD2  H N N 72  
ASP HXT  H N N 73  
GLN N    N N N 74  
GLN CA   C N S 75  
GLN C    C N N 76  
GLN O    O N N 77  
GLN CB   C N N 78  
GLN CG   C N N 79  
GLN CD   C N N 80  
GLN OE1  O N N 81  
GLN NE2  N N N 82  
GLN OXT  O N N 83  
GLN H    H N N 84  
GLN H2   H N N 85  
GLN HA   H N N 86  
GLN HB2  H N N 87  
GLN HB3  H N N 88  
GLN HG2  H N N 89  
GLN HG3  H N N 90  
GLN HE21 H N N 91  
GLN HE22 H N N 92  
GLN HXT  H N N 93  
GLU N    N N N 94  
GLU CA   C N S 95  
GLU C    C N N 96  
GLU O    O N N 97  
GLU CB   C N N 98  
GLU CG   C N N 99  
GLU CD   C N N 100 
GLU OE1  O N N 101 
GLU OE2  O N N 102 
GLU OXT  O N N 103 
GLU H    H N N 104 
GLU H2   H N N 105 
GLU HA   H N N 106 
GLU HB2  H N N 107 
GLU HB3  H N N 108 
GLU HG2  H N N 109 
GLU HG3  H N N 110 
GLU HE2  H N N 111 
GLU HXT  H N N 112 
GLY N    N N N 113 
GLY CA   C N N 114 
GLY C    C N N 115 
GLY O    O N N 116 
GLY OXT  O N N 117 
GLY H    H N N 118 
GLY H2   H N N 119 
GLY HA2  H N N 120 
GLY HA3  H N N 121 
GLY HXT  H N N 122 
HIS N    N N N 123 
HIS CA   C N S 124 
HIS C    C N N 125 
HIS O    O N N 126 
HIS CB   C N N 127 
HIS CG   C Y N 128 
HIS ND1  N Y N 129 
HIS CD2  C Y N 130 
HIS CE1  C Y N 131 
HIS NE2  N Y N 132 
HIS OXT  O N N 133 
HIS H    H N N 134 
HIS H2   H N N 135 
HIS HA   H N N 136 
HIS HB2  H N N 137 
HIS HB3  H N N 138 
HIS HD1  H N N 139 
HIS HD2  H N N 140 
HIS HE1  H N N 141 
HIS HE2  H N N 142 
HIS HXT  H N N 143 
LEU N    N N N 144 
LEU CA   C N S 145 
LEU C    C N N 146 
LEU O    O N N 147 
LEU CB   C N N 148 
LEU CG   C N N 149 
LEU CD1  C N N 150 
LEU CD2  C N N 151 
LEU OXT  O N N 152 
LEU H    H N N 153 
LEU H2   H N N 154 
LEU HA   H N N 155 
LEU HB2  H N N 156 
LEU HB3  H N N 157 
LEU HG   H N N 158 
LEU HD11 H N N 159 
LEU HD12 H N N 160 
LEU HD13 H N N 161 
LEU HD21 H N N 162 
LEU HD22 H N N 163 
LEU HD23 H N N 164 
LEU HXT  H N N 165 
LYS N    N N N 166 
LYS CA   C N S 167 
LYS C    C N N 168 
LYS O    O N N 169 
LYS CB   C N N 170 
LYS CG   C N N 171 
LYS CD   C N N 172 
LYS CE   C N N 173 
LYS NZ   N N N 174 
LYS OXT  O N N 175 
LYS H    H N N 176 
LYS H2   H N N 177 
LYS HA   H N N 178 
LYS HB2  H N N 179 
LYS HB3  H N N 180 
LYS HG2  H N N 181 
LYS HG3  H N N 182 
LYS HD2  H N N 183 
LYS HD3  H N N 184 
LYS HE2  H N N 185 
LYS HE3  H N N 186 
LYS HZ1  H N N 187 
LYS HZ2  H N N 188 
LYS HZ3  H N N 189 
LYS HXT  H N N 190 
NH2 N    N N N 191 
NH2 HN1  H N N 192 
NH2 HN2  H N N 193 
PRO N    N N N 194 
PRO CA   C N S 195 
PRO C    C N N 196 
PRO O    O N N 197 
PRO CB   C N N 198 
PRO CG   C N N 199 
PRO CD   C N N 200 
PRO OXT  O N N 201 
PRO H    H N N 202 
PRO HA   H N N 203 
PRO HB2  H N N 204 
PRO HB3  H N N 205 
PRO HG2  H N N 206 
PRO HG3  H N N 207 
PRO HD2  H N N 208 
PRO HD3  H N N 209 
PRO HXT  H N N 210 
SER N    N N N 211 
SER CA   C N S 212 
SER C    C N N 213 
SER O    O N N 214 
SER CB   C N N 215 
SER OG   O N N 216 
SER OXT  O N N 217 
SER H    H N N 218 
SER H2   H N N 219 
SER HA   H N N 220 
SER HB2  H N N 221 
SER HB3  H N N 222 
SER HG   H N N 223 
SER HXT  H N N 224 
THR N    N N N 225 
THR CA   C N S 226 
THR C    C N N 227 
THR O    O N N 228 
THR CB   C N R 229 
THR OG1  O N N 230 
THR CG2  C N N 231 
THR OXT  O N N 232 
THR H    H N N 233 
THR H2   H N N 234 
THR HA   H N N 235 
THR HB   H N N 236 
THR HG1  H N N 237 
THR HG21 H N N 238 
THR HG22 H N N 239 
THR HG23 H N N 240 
THR HXT  H N N 241 
TYR N    N N N 242 
TYR CA   C N S 243 
TYR C    C N N 244 
TYR O    O N N 245 
TYR CB   C N N 246 
TYR CG   C Y N 247 
TYR CD1  C Y N 248 
TYR CD2  C Y N 249 
TYR CE1  C Y N 250 
TYR CE2  C Y N 251 
TYR CZ   C Y N 252 
TYR OH   O N N 253 
TYR OXT  O N N 254 
TYR H    H N N 255 
TYR H2   H N N 256 
TYR HA   H N N 257 
TYR HB2  H N N 258 
TYR HB3  H N N 259 
TYR HD1  H N N 260 
TYR HD2  H N N 261 
TYR HE1  H N N 262 
TYR HE2  H N N 263 
TYR HH   H N N 264 
TYR HXT  H N N 265 
VAL N    N N N 266 
VAL CA   C N S 267 
VAL C    C N N 268 
VAL O    O N N 269 
VAL CB   C N N 270 
VAL CG1  C N N 271 
VAL CG2  C N N 272 
VAL OXT  O N N 273 
VAL H    H N N 274 
VAL H2   H N N 275 
VAL HA   H N N 276 
VAL HB   H N N 277 
VAL HG11 H N N 278 
VAL HG12 H N N 279 
VAL HG13 H N N 280 
VAL HG21 H N N 281 
VAL HG22 H N N 282 
VAL HG23 H N N 283 
VAL HXT  H N N 284 
# 
loop_
_chem_comp_bond.comp_id 
_chem_comp_bond.atom_id_1 
_chem_comp_bond.atom_id_2 
_chem_comp_bond.value_order 
_chem_comp_bond.pdbx_aromatic_flag 
_chem_comp_bond.pdbx_stereo_config 
_chem_comp_bond.pdbx_ordinal 
ALA N   CA   sing N N 1   
ALA N   H    sing N N 2   
ALA N   H2   sing N N 3   
ALA CA  C    sing N N 4   
ALA CA  CB   sing N N 5   
ALA CA  HA   sing N N 6   
ALA C   O    doub N N 7   
ALA C   OXT  sing N N 8   
ALA CB  HB1  sing N N 9   
ALA CB  HB2  sing N N 10  
ALA CB  HB3  sing N N 11  
ALA OXT HXT  sing N N 12  
ARG N   CA   sing N N 13  
ARG N   H    sing N N 14  
ARG N   H2   sing N N 15  
ARG CA  C    sing N N 16  
ARG CA  CB   sing N N 17  
ARG CA  HA   sing N N 18  
ARG C   O    doub N N 19  
ARG C   OXT  sing N N 20  
ARG CB  CG   sing N N 21  
ARG CB  HB2  sing N N 22  
ARG CB  HB3  sing N N 23  
ARG CG  CD   sing N N 24  
ARG CG  HG2  sing N N 25  
ARG CG  HG3  sing N N 26  
ARG CD  NE   sing N N 27  
ARG CD  HD2  sing N N 28  
ARG CD  HD3  sing N N 29  
ARG NE  CZ   sing N N 30  
ARG NE  HE   sing N N 31  
ARG CZ  NH1  sing N N 32  
ARG CZ  NH2  doub N N 33  
ARG NH1 HH11 sing N N 34  
ARG NH1 HH12 sing N N 35  
ARG NH2 HH21 sing N N 36  
ARG NH2 HH22 sing N N 37  
ARG OXT HXT  sing N N 38  
ASN N   CA   sing N N 39  
ASN N   H    sing N N 40  
ASN N   H2   sing N N 41  
ASN CA  C    sing N N 42  
ASN CA  CB   sing N N 43  
ASN CA  HA   sing N N 44  
ASN C   O    doub N N 45  
ASN C   OXT  sing N N 46  
ASN CB  CG   sing N N 47  
ASN CB  HB2  sing N N 48  
ASN CB  HB3  sing N N 49  
ASN CG  OD1  doub N N 50  
ASN CG  ND2  sing N N 51  
ASN ND2 HD21 sing N N 52  
ASN ND2 HD22 sing N N 53  
ASN OXT HXT  sing N N 54  
ASP N   CA   sing N N 55  
ASP N   H    sing N N 56  
ASP N   H2   sing N N 57  
ASP CA  C    sing N N 58  
ASP CA  CB   sing N N 59  
ASP CA  HA   sing N N 60  
ASP C   O    doub N N 61  
ASP C   OXT  sing N N 62  
ASP CB  CG   sing N N 63  
ASP CB  HB2  sing N N 64  
ASP CB  HB3  sing N N 65  
ASP CG  OD1  doub N N 66  
ASP CG  OD2  sing N N 67  
ASP OD2 HD2  sing N N 68  
ASP OXT HXT  sing N N 69  
GLN N   CA   sing N N 70  
GLN N   H    sing N N 71  
GLN N   H2   sing N N 72  
GLN CA  C    sing N N 73  
GLN CA  CB   sing N N 74  
GLN CA  HA   sing N N 75  
GLN C   O    doub N N 76  
GLN C   OXT  sing N N 77  
GLN CB  CG   sing N N 78  
GLN CB  HB2  sing N N 79  
GLN CB  HB3  sing N N 80  
GLN CG  CD   sing N N 81  
GLN CG  HG2  sing N N 82  
GLN CG  HG3  sing N N 83  
GLN CD  OE1  doub N N 84  
GLN CD  NE2  sing N N 85  
GLN NE2 HE21 sing N N 86  
GLN NE2 HE22 sing N N 87  
GLN OXT HXT  sing N N 88  
GLU N   CA   sing N N 89  
GLU N   H    sing N N 90  
GLU N   H2   sing N N 91  
GLU CA  C    sing N N 92  
GLU CA  CB   sing N N 93  
GLU CA  HA   sing N N 94  
GLU C   O    doub N N 95  
GLU C   OXT  sing N N 96  
GLU CB  CG   sing N N 97  
GLU CB  HB2  sing N N 98  
GLU CB  HB3  sing N N 99  
GLU CG  CD   sing N N 100 
GLU CG  HG2  sing N N 101 
GLU CG  HG3  sing N N 102 
GLU CD  OE1  doub N N 103 
GLU CD  OE2  sing N N 104 
GLU OE2 HE2  sing N N 105 
GLU OXT HXT  sing N N 106 
GLY N   CA   sing N N 107 
GLY N   H    sing N N 108 
GLY N   H2   sing N N 109 
GLY CA  C    sing N N 110 
GLY CA  HA2  sing N N 111 
GLY CA  HA3  sing N N 112 
GLY C   O    doub N N 113 
GLY C   OXT  sing N N 114 
GLY OXT HXT  sing N N 115 
HIS N   CA   sing N N 116 
HIS N   H    sing N N 117 
HIS N   H2   sing N N 118 
HIS CA  C    sing N N 119 
HIS CA  CB   sing N N 120 
HIS CA  HA   sing N N 121 
HIS C   O    doub N N 122 
HIS C   OXT  sing N N 123 
HIS CB  CG   sing N N 124 
HIS CB  HB2  sing N N 125 
HIS CB  HB3  sing N N 126 
HIS CG  ND1  sing Y N 127 
HIS CG  CD2  doub Y N 128 
HIS ND1 CE1  doub Y N 129 
HIS ND1 HD1  sing N N 130 
HIS CD2 NE2  sing Y N 131 
HIS CD2 HD2  sing N N 132 
HIS CE1 NE2  sing Y N 133 
HIS CE1 HE1  sing N N 134 
HIS NE2 HE2  sing N N 135 
HIS OXT HXT  sing N N 136 
LEU N   CA   sing N N 137 
LEU N   H    sing N N 138 
LEU N   H2   sing N N 139 
LEU CA  C    sing N N 140 
LEU CA  CB   sing N N 141 
LEU CA  HA   sing N N 142 
LEU C   O    doub N N 143 
LEU C   OXT  sing N N 144 
LEU CB  CG   sing N N 145 
LEU CB  HB2  sing N N 146 
LEU CB  HB3  sing N N 147 
LEU CG  CD1  sing N N 148 
LEU CG  CD2  sing N N 149 
LEU CG  HG   sing N N 150 
LEU CD1 HD11 sing N N 151 
LEU CD1 HD12 sing N N 152 
LEU CD1 HD13 sing N N 153 
LEU CD2 HD21 sing N N 154 
LEU CD2 HD22 sing N N 155 
LEU CD2 HD23 sing N N 156 
LEU OXT HXT  sing N N 157 
LYS N   CA   sing N N 158 
LYS N   H    sing N N 159 
LYS N   H2   sing N N 160 
LYS CA  C    sing N N 161 
LYS CA  CB   sing N N 162 
LYS CA  HA   sing N N 163 
LYS C   O    doub N N 164 
LYS C   OXT  sing N N 165 
LYS CB  CG   sing N N 166 
LYS CB  HB2  sing N N 167 
LYS CB  HB3  sing N N 168 
LYS CG  CD   sing N N 169 
LYS CG  HG2  sing N N 170 
LYS CG  HG3  sing N N 171 
LYS CD  CE   sing N N 172 
LYS CD  HD2  sing N N 173 
LYS CD  HD3  sing N N 174 
LYS CE  NZ   sing N N 175 
LYS CE  HE2  sing N N 176 
LYS CE  HE3  sing N N 177 
LYS NZ  HZ1  sing N N 178 
LYS NZ  HZ2  sing N N 179 
LYS NZ  HZ3  sing N N 180 
LYS OXT HXT  sing N N 181 
NH2 N   HN1  sing N N 182 
NH2 N   HN2  sing N N 183 
PRO N   CA   sing N N 184 
PRO N   CD   sing N N 185 
PRO N   H    sing N N 186 
PRO CA  C    sing N N 187 
PRO CA  CB   sing N N 188 
PRO CA  HA   sing N N 189 
PRO C   O    doub N N 190 
PRO C   OXT  sing N N 191 
PRO CB  CG   sing N N 192 
PRO CB  HB2  sing N N 193 
PRO CB  HB3  sing N N 194 
PRO CG  CD   sing N N 195 
PRO CG  HG2  sing N N 196 
PRO CG  HG3  sing N N 197 
PRO CD  HD2  sing N N 198 
PRO CD  HD3  sing N N 199 
PRO OXT HXT  sing N N 200 
SER N   CA   sing N N 201 
SER N   H    sing N N 202 
SER N   H2   sing N N 203 
SER CA  C    sing N N 204 
SER CA  CB   sing N N 205 
SER CA  HA   sing N N 206 
SER C   O    doub N N 207 
SER C   OXT  sing N N 208 
SER CB  OG   sing N N 209 
SER CB  HB2  sing N N 210 
SER CB  HB3  sing N N 211 
SER OG  HG   sing N N 212 
SER OXT HXT  sing N N 213 
THR N   CA   sing N N 214 
THR N   H    sing N N 215 
THR N   H2   sing N N 216 
THR CA  C    sing N N 217 
THR CA  CB   sing N N 218 
THR CA  HA   sing N N 219 
THR C   O    doub N N 220 
THR C   OXT  sing N N 221 
THR CB  OG1  sing N N 222 
THR CB  CG2  sing N N 223 
THR CB  HB   sing N N 224 
THR OG1 HG1  sing N N 225 
THR CG2 HG21 sing N N 226 
THR CG2 HG22 sing N N 227 
THR CG2 HG23 sing N N 228 
THR OXT HXT  sing N N 229 
TYR N   CA   sing N N 230 
TYR N   H    sing N N 231 
TYR N   H2   sing N N 232 
TYR CA  C    sing N N 233 
TYR CA  CB   sing N N 234 
TYR CA  HA   sing N N 235 
TYR C   O    doub N N 236 
TYR C   OXT  sing N N 237 
TYR CB  CG   sing N N 238 
TYR CB  HB2  sing N N 239 
TYR CB  HB3  sing N N 240 
TYR CG  CD1  doub Y N 241 
TYR CG  CD2  sing Y N 242 
TYR CD1 CE1  sing Y N 243 
TYR CD1 HD1  sing N N 244 
TYR CD2 CE2  doub Y N 245 
TYR CD2 HD2  sing N N 246 
TYR CE1 CZ   doub Y N 247 
TYR CE1 HE1  sing N N 248 
TYR CE2 CZ   sing Y N 249 
TYR CE2 HE2  sing N N 250 
TYR CZ  OH   sing N N 251 
TYR OH  HH   sing N N 252 
TYR OXT HXT  sing N N 253 
VAL N   CA   sing N N 254 
VAL N   H    sing N N 255 
VAL N   H2   sing N N 256 
VAL CA  C    sing N N 257 
VAL CA  CB   sing N N 258 
VAL CA  HA   sing N N 259 
VAL C   O    doub N N 260 
VAL C   OXT  sing N N 261 
VAL CB  CG1  sing N N 262 
VAL CB  CG2  sing N N 263 
VAL CB  HB   sing N N 264 
VAL CG1 HG11 sing N N 265 
VAL CG1 HG12 sing N N 266 
VAL CG1 HG13 sing N N 267 
VAL CG2 HG21 sing N N 268 
VAL CG2 HG22 sing N N 269 
VAL CG2 HG23 sing N N 270 
VAL OXT HXT  sing N N 271 
# 
_pdbx_nmr_spectrometer.spectrometer_id   1 
_pdbx_nmr_spectrometer.model             UNITYPLUS 
_pdbx_nmr_spectrometer.manufacturer      Varian 
_pdbx_nmr_spectrometer.field_strength    500 
_pdbx_nmr_spectrometer.type              ? 
# 
_atom_sites.entry_id                    1QBF 
_atom_sites.fract_transf_matrix[1][1]   1.000000 
_atom_sites.fract_transf_matrix[1][2]   0.000000 
_atom_sites.fract_transf_matrix[1][3]   0.000000 
_atom_sites.fract_transf_matrix[2][1]   0.000000 
_atom_sites.fract_transf_matrix[2][2]   1.000000 
_atom_sites.fract_transf_matrix[2][3]   0.000000 
_atom_sites.fract_transf_matrix[3][1]   0.000000 
_atom_sites.fract_transf_matrix[3][2]   0.000000 
_atom_sites.fract_transf_matrix[3][3]   1.000000 
_atom_sites.fract_transf_vector[1]      0.00000 
_atom_sites.fract_transf_vector[2]      0.00000 
_atom_sites.fract_transf_vector[3]      0.00000 
# 
loop_
_atom_type.symbol 
C 
H 
N 
O 
# 
loop_
_atom_site.group_PDB 
_atom_site.id 
_atom_site.type_symbol 
_atom_site.label_atom_id 
_atom_site.label_alt_id 
_atom_site.label_comp_id 
_atom_site.label_asym_id 
_atom_site.label_entity_id 
_atom_site.label_seq_id 
_atom_site.pdbx_PDB_ins_code 
_atom_site.Cartn_x 
_atom_site.Cartn_y 
_atom_site.Cartn_z 
_atom_site.occupancy 
_atom_site.B_iso_or_equiv 
_atom_site.pdbx_formal_charge 
_atom_site.auth_seq_id 
_atom_site.auth_comp_id 
_atom_site.auth_asym_id 
_atom_site.auth_atom_id 
_atom_site.pdbx_PDB_model_num 
ATOM   1   N N    . TYR A 1 1  ? -9.388  0.600   -11.440 1.00 0.00 ? 1  TYR A N    1 
ATOM   2   C CA   . TYR A 1 1  ? -8.324  0.123   -10.512 1.00 0.00 ? 1  TYR A CA   1 
ATOM   3   C C    . TYR A 1 1  ? -8.596  0.670   -9.098  1.00 0.00 ? 1  TYR A C    1 
ATOM   4   O O    . TYR A 1 1  ? -8.309  1.812   -8.812  1.00 0.00 ? 1  TYR A O    1 
ATOM   5   C CB   . TYR A 1 1  ? -6.967  0.605   -11.018 1.00 0.00 ? 1  TYR A CB   1 
ATOM   6   C CG   . TYR A 1 1  ? -5.988  -0.539  -10.946 1.00 0.00 ? 1  TYR A CG   1 
ATOM   7   C CD1  . TYR A 1 1  ? -5.329  -0.824  -9.744  1.00 0.00 ? 1  TYR A CD1  1 
ATOM   8   C CD2  . TYR A 1 1  ? -5.745  -1.322  -12.081 1.00 0.00 ? 1  TYR A CD2  1 
ATOM   9   C CE1  . TYR A 1 1  ? -4.425  -1.889  -9.678  1.00 0.00 ? 1  TYR A CE1  1 
ATOM   10  C CE2  . TYR A 1 1  ? -4.841  -2.387  -12.015 1.00 0.00 ? 1  TYR A CE2  1 
ATOM   11  C CZ   . TYR A 1 1  ? -4.180  -2.672  -10.813 1.00 0.00 ? 1  TYR A CZ   1 
ATOM   12  O OH   . TYR A 1 1  ? -3.291  -3.724  -10.747 1.00 0.00 ? 1  TYR A OH   1 
ATOM   13  H H1   . TYR A 1 1  ? -10.319 0.308   -11.080 1.00 0.00 ? 1  TYR A H1   1 
ATOM   14  H H2   . TYR A 1 1  ? -9.235  0.188   -12.383 1.00 0.00 ? 1  TYR A H2   1 
ATOM   15  H H3   . TYR A 1 1  ? -9.353  1.638   -11.503 1.00 0.00 ? 1  TYR A H3   1 
ATOM   16  H HA   . TYR A 1 1  ? -8.326  -0.955  -10.490 1.00 0.00 ? 1  TYR A HA   1 
ATOM   17  H HB2  . TYR A 1 1  ? -7.063  0.935   -12.043 1.00 0.00 ? 1  TYR A HB2  1 
ATOM   18  H HB3  . TYR A 1 1  ? -6.618  1.420   -10.408 1.00 0.00 ? 1  TYR A HB3  1 
ATOM   19  H HD1  . TYR A 1 1  ? -5.519  -0.222  -8.868  1.00 0.00 ? 1  TYR A HD1  1 
ATOM   20  H HD2  . TYR A 1 1  ? -6.254  -1.102  -13.007 1.00 0.00 ? 1  TYR A HD2  1 
ATOM   21  H HE1  . TYR A 1 1  ? -3.914  -2.107  -8.751  1.00 0.00 ? 1  TYR A HE1  1 
ATOM   22  H HE2  . TYR A 1 1  ? -4.653  -2.991  -12.891 1.00 0.00 ? 1  TYR A HE2  1 
ATOM   23  H HH   . TYR A 1 1  ? -3.782  -4.512  -10.503 1.00 0.00 ? 1  TYR A HH   1 
ATOM   24  N N    . PRO A 1 2  ? -9.172  -0.171  -8.270  1.00 0.00 ? 2  PRO A N    1 
ATOM   25  C CA   . PRO A 1 2  ? -9.539  0.166   -6.885  1.00 0.00 ? 2  PRO A CA   1 
ATOM   26  C C    . PRO A 1 2  ? -8.362  -0.048  -5.934  1.00 0.00 ? 2  PRO A C    1 
ATOM   27  O O    . PRO A 1 2  ? -7.242  -0.272  -6.343  1.00 0.00 ? 2  PRO A O    1 
ATOM   28  C CB   . PRO A 1 2  ? -10.641 -0.840  -6.556  1.00 0.00 ? 2  PRO A CB   1 
ATOM   29  C CG   . PRO A 1 2  ? -10.424 -2.040  -7.507  1.00 0.00 ? 2  PRO A CG   1 
ATOM   30  C CD   . PRO A 1 2  ? -9.518  -1.543  -8.647  1.00 0.00 ? 2  PRO A CD   1 
ATOM   31  H HA   . PRO A 1 2  ? -9.920  1.171   -6.815  1.00 0.00 ? 2  PRO A HA   1 
ATOM   32  H HB2  . PRO A 1 2  ? -10.558 -1.157  -5.525  1.00 0.00 ? 2  PRO A HB2  1 
ATOM   33  H HB3  . PRO A 1 2  ? -11.611 -0.404  -6.736  1.00 0.00 ? 2  PRO A HB3  1 
ATOM   34  H HG2  . PRO A 1 2  ? -9.941  -2.848  -6.974  1.00 0.00 ? 2  PRO A HG2  1 
ATOM   35  H HG3  . PRO A 1 2  ? -11.368 -2.372  -7.909  1.00 0.00 ? 2  PRO A HG3  1 
ATOM   36  H HD2  . PRO A 1 2  ? -8.622  -2.143  -8.710  1.00 0.00 ? 2  PRO A HD2  1 
ATOM   37  H HD3  . PRO A 1 2  ? -10.045 -1.541  -9.584  1.00 0.00 ? 2  PRO A HD3  1 
ATOM   38  N N    . ALA A 1 3  ? -8.628  0.025   -4.660  1.00 0.00 ? 3  ALA A N    1 
ATOM   39  C CA   . ALA A 1 3  ? -7.566  -0.157  -3.645  1.00 0.00 ? 3  ALA A CA   1 
ATOM   40  C C    . ALA A 1 3  ? -7.354  -1.640  -3.390  1.00 0.00 ? 3  ALA A C    1 
ATOM   41  O O    . ALA A 1 3  ? -7.359  -2.445  -4.300  1.00 0.00 ? 3  ALA A O    1 
ATOM   42  C CB   . ALA A 1 3  ? -8.011  0.516   -2.344  1.00 0.00 ? 3  ALA A CB   1 
ATOM   43  H H    . ALA A 1 3  ? -9.535  0.211   -4.368  1.00 0.00 ? 3  ALA A H    1 
ATOM   44  H HA   . ALA A 1 3  ? -6.654  0.285   -3.993  1.00 0.00 ? 3  ALA A HA   1 
ATOM   45  H HB1  . ALA A 1 3  ? -8.405  -0.225  -1.670  1.00 0.00 ? 3  ALA A HB1  1 
ATOM   46  H HB2  . ALA A 1 3  ? -8.778  1.229   -2.557  1.00 0.00 ? 3  ALA A HB2  1 
ATOM   47  H HB3  . ALA A 1 3  ? -7.169  1.008   -1.884  1.00 0.00 ? 3  ALA A HB3  1 
ATOM   48  N N    . LYS A 1 4  ? -7.158  -2.006  -2.150  1.00 0.00 ? 4  LYS A N    1 
ATOM   49  C CA   . LYS A 1 4  ? -6.944  -3.422  -1.813  1.00 0.00 ? 4  LYS A CA   1 
ATOM   50  C C    . LYS A 1 4  ? -5.493  -3.845  -2.116  1.00 0.00 ? 4  LYS A C    1 
ATOM   51  O O    . LYS A 1 4  ? -5.252  -5.009  -2.368  1.00 0.00 ? 4  LYS A O    1 
ATOM   52  C CB   . LYS A 1 4  ? -7.934  -4.274  -2.615  1.00 0.00 ? 4  LYS A CB   1 
ATOM   53  C CG   . LYS A 1 4  ? -9.258  -3.503  -2.779  1.00 0.00 ? 4  LYS A CG   1 
ATOM   54  C CD   . LYS A 1 4  ? -10.434 -4.475  -2.675  1.00 0.00 ? 4  LYS A CD   1 
ATOM   55  C CE   . LYS A 1 4  ? -11.287 -4.376  -3.941  1.00 0.00 ? 4  LYS A CE   1 
ATOM   56  N NZ   . LYS A 1 4  ? -12.001 -3.069  -3.958  1.00 0.00 ? 4  LYS A NZ   1 
ATOM   57  H H    . LYS A 1 4  ? -7.142  -1.342  -1.434  1.00 0.00 ? 4  LYS A H    1 
ATOM   58  H HA   . LYS A 1 4  ? -7.137  -3.561  -0.760  1.00 0.00 ? 4  LYS A HA   1 
ATOM   59  H HB2  . LYS A 1 4  ? -7.517  -4.489  -3.589  1.00 0.00 ? 4  LYS A HB2  1 
ATOM   60  H HB3  . LYS A 1 4  ? -8.121  -5.198  -2.090  1.00 0.00 ? 4  LYS A HB3  1 
ATOM   61  H HG2  . LYS A 1 4  ? -9.336  -2.748  -2.005  1.00 0.00 ? 4  LYS A HG2  1 
ATOM   62  H HG3  . LYS A 1 4  ? -9.278  -3.015  -3.747  1.00 0.00 ? 4  LYS A HG3  1 
ATOM   63  H HD2  . LYS A 1 4  ? -10.061 -5.483  -2.570  1.00 0.00 ? 4  LYS A HD2  1 
ATOM   64  H HD3  . LYS A 1 4  ? -11.037 -4.222  -1.817  1.00 0.00 ? 4  LYS A HD3  1 
ATOM   65  H HE2  . LYS A 1 4  ? -10.651 -4.451  -4.811  1.00 0.00 ? 4  LYS A HE2  1 
ATOM   66  H HE3  . LYS A 1 4  ? -12.008 -5.180  -3.952  1.00 0.00 ? 4  LYS A HE3  1 
ATOM   67  H HZ1  . LYS A 1 4  ? -12.965 -3.194  -3.591  1.00 0.00 ? 4  LYS A HZ1  1 
ATOM   68  H HZ2  . LYS A 1 4  ? -12.045 -2.710  -4.935  1.00 0.00 ? 4  LYS A HZ2  1 
ATOM   69  H HZ3  . LYS A 1 4  ? -11.491 -2.388  -3.361  1.00 0.00 ? 4  LYS A HZ3  1 
ATOM   70  N N    . PRO A 1 5  ? -4.545  -2.914  -2.054  1.00 0.00 ? 5  PRO A N    1 
ATOM   71  C CA   . PRO A 1 5  ? -3.126  -3.251  -2.290  1.00 0.00 ? 5  PRO A CA   1 
ATOM   72  C C    . PRO A 1 5  ? -2.577  -4.013  -1.084  1.00 0.00 ? 5  PRO A C    1 
ATOM   73  O O    . PRO A 1 5  ? -2.414  -3.457  -0.016  1.00 0.00 ? 5  PRO A O    1 
ATOM   74  C CB   . PRO A 1 5  ? -2.437  -1.890  -2.417  1.00 0.00 ? 5  PRO A CB   1 
ATOM   75  C CG   . PRO A 1 5  ? -3.350  -0.879  -1.692  1.00 0.00 ? 5  PRO A CG   1 
ATOM   76  C CD   . PRO A 1 5  ? -4.768  -1.471  -1.750  1.00 0.00 ? 5  PRO A CD   1 
ATOM   77  H HA   . PRO A 1 5  ? -3.008  -3.819  -3.197  1.00 0.00 ? 5  PRO A HA   1 
ATOM   78  H HB2  . PRO A 1 5  ? -1.462  -1.922  -1.948  1.00 0.00 ? 5  PRO A HB2  1 
ATOM   79  H HB3  . PRO A 1 5  ? -2.343  -1.616  -3.456  1.00 0.00 ? 5  PRO A HB3  1 
ATOM   80  H HG2  . PRO A 1 5  ? -3.033  -0.767  -0.663  1.00 0.00 ? 5  PRO A HG2  1 
ATOM   81  H HG3  . PRO A 1 5  ? -3.329  0.073   -2.196  1.00 0.00 ? 5  PRO A HG3  1 
ATOM   82  H HD2  . PRO A 1 5  ? -5.280  -1.339  -0.805  1.00 0.00 ? 5  PRO A HD2  1 
ATOM   83  H HD3  . PRO A 1 5  ? -5.324  -1.001  -2.549  1.00 0.00 ? 5  PRO A HD3  1 
ATOM   84  N N    . GLU A 1 6  ? -2.301  -5.279  -1.230  1.00 0.00 ? 6  GLU A N    1 
ATOM   85  C CA   . GLU A 1 6  ? -1.781  -6.050  -0.072  1.00 0.00 ? 6  GLU A CA   1 
ATOM   86  C C    . GLU A 1 6  ? -0.574  -5.343  0.506   1.00 0.00 ? 6  GLU A C    1 
ATOM   87  O O    . GLU A 1 6  ? -0.237  -5.507  1.661   1.00 0.00 ? 6  GLU A O    1 
ATOM   88  C CB   . GLU A 1 6  ? -1.404  -7.469  -0.504  1.00 0.00 ? 6  GLU A CB   1 
ATOM   89  C CG   . GLU A 1 6  ? -0.174  -7.419  -1.415  1.00 0.00 ? 6  GLU A CG   1 
ATOM   90  C CD   . GLU A 1 6  ? -0.021  -8.758  -2.139  1.00 0.00 ? 6  GLU A CD   1 
ATOM   91  O OE1  . GLU A 1 6  ? -0.142  -9.779  -1.482  1.00 0.00 ? 6  GLU A OE1  1 
ATOM   92  O OE2  . GLU A 1 6  ? 0.213   -8.741  -3.336  1.00 0.00 ? 6  GLU A OE2  1 
ATOM   93  H H    . GLU A 1 6  ? -2.446  -5.721  -2.088  1.00 0.00 ? 6  GLU A H    1 
ATOM   94  H HA   . GLU A 1 6  ? -2.536  -6.083  0.680   1.00 0.00 ? 6  GLU A HA   1 
ATOM   95  H HB2  . GLU A 1 6  ? -1.182  -8.064  0.370   1.00 0.00 ? 6  GLU A HB2  1 
ATOM   96  H HB3  . GLU A 1 6  ? -2.228  -7.913  -1.041  1.00 0.00 ? 6  GLU A HB3  1 
ATOM   97  H HG2  . GLU A 1 6  ? -0.295  -6.628  -2.141  1.00 0.00 ? 6  GLU A HG2  1 
ATOM   98  H HG3  . GLU A 1 6  ? 0.708   -7.231  -0.821  1.00 0.00 ? 6  GLU A HG3  1 
ATOM   99  N N    . ALA A 1 7  ? 0.054   -4.529  -0.269  1.00 0.00 ? 7  ALA A N    1 
ATOM   100 C CA   . ALA A 1 7  ? 1.208   -3.780  0.250   1.00 0.00 ? 7  ALA A CA   1 
ATOM   101 C C    . ALA A 1 7  ? 2.321   -4.725  0.711   1.00 0.00 ? 7  ALA A C    1 
ATOM   102 O O    . ALA A 1 7  ? 2.056   -5.822  1.159   1.00 0.00 ? 7  ALA A O    1 
ATOM   103 C CB   . ALA A 1 7  ? 0.738   -2.973  1.423   1.00 0.00 ? 7  ALA A CB   1 
ATOM   104 H H    . ALA A 1 7  ? -0.251  -4.385  -1.184  1.00 0.00 ? 7  ALA A H    1 
ATOM   105 H HA   . ALA A 1 7  ? 1.562   -3.118  -0.504  1.00 0.00 ? 7  ALA A HA   1 
ATOM   106 H HB1  . ALA A 1 7  ? 1.501   -2.273  1.711   1.00 0.00 ? 7  ALA A HB1  1 
ATOM   107 H HB2  . ALA A 1 7  ? 0.525   -3.640  2.244   1.00 0.00 ? 7  ALA A HB2  1 
ATOM   108 H HB3  . ALA A 1 7  ? -0.161  -2.442  1.145   1.00 0.00 ? 7  ALA A HB3  1 
ATOM   109 N N    . PRO A 1 8  ? 3.540   -4.262  0.587   1.00 0.00 ? 8  PRO A N    1 
ATOM   110 C CA   . PRO A 1 8  ? 4.727   -5.036  0.982   1.00 0.00 ? 8  PRO A CA   1 
ATOM   111 C C    . PRO A 1 8  ? 5.025   -4.893  2.488   1.00 0.00 ? 8  PRO A C    1 
ATOM   112 O O    . PRO A 1 8  ? 4.515   -5.634  3.305   1.00 0.00 ? 8  PRO A O    1 
ATOM   113 C CB   . PRO A 1 8  ? 5.847   -4.400  0.153   1.00 0.00 ? 8  PRO A CB   1 
ATOM   114 C CG   . PRO A 1 8  ? 5.371   -2.964  -0.189  1.00 0.00 ? 8  PRO A CG   1 
ATOM   115 C CD   . PRO A 1 8  ? 3.846   -2.937  0.016   1.00 0.00 ? 8  PRO A CD   1 
ATOM   116 H HA   . PRO A 1 8  ? 4.605   -6.068  0.715   1.00 0.00 ? 8  PRO A HA   1 
ATOM   117 H HB2  . PRO A 1 8  ? 6.763   -4.368  0.726   1.00 0.00 ? 8  PRO A HB2  1 
ATOM   118 H HB3  . PRO A 1 8  ? 5.997   -4.958  -0.758  1.00 0.00 ? 8  PRO A HB3  1 
ATOM   119 H HG2  . PRO A 1 8  ? 5.845   -2.251  0.471   1.00 0.00 ? 8  PRO A HG2  1 
ATOM   120 H HG3  . PRO A 1 8  ? 5.603   -2.731  -1.215  1.00 0.00 ? 8  PRO A HG3  1 
ATOM   121 H HD2  . PRO A 1 8  ? 3.572   -2.148  0.705   1.00 0.00 ? 8  PRO A HD2  1 
ATOM   122 H HD3  . PRO A 1 8  ? 3.341   -2.812  -0.929  1.00 0.00 ? 8  PRO A HD3  1 
ATOM   123 N N    . GLY A 1 9  ? 5.861   -3.949  2.855   1.00 0.00 ? 9  GLY A N    1 
ATOM   124 C CA   . GLY A 1 9  ? 6.212   -3.752  4.289   1.00 0.00 ? 9  GLY A CA   1 
ATOM   125 C C    . GLY A 1 9  ? 7.367   -4.686  4.670   1.00 0.00 ? 9  GLY A C    1 
ATOM   126 O O    . GLY A 1 9  ? 7.693   -5.597  3.938   1.00 0.00 ? 9  GLY A O    1 
ATOM   127 H H    . GLY A 1 9  ? 6.261   -3.370  2.188   1.00 0.00 ? 9  GLY A H    1 
ATOM   128 H HA2  . GLY A 1 9  ? 6.511   -2.729  4.441   1.00 0.00 ? 9  GLY A HA2  1 
ATOM   129 H HA3  . GLY A 1 9  ? 5.361   -3.974  4.897   1.00 0.00 ? 9  GLY A HA3  1 
ATOM   130 N N    . GLU A 1 10 ? 7.988   -4.477  5.810   1.00 0.00 ? 10 GLU A N    1 
ATOM   131 C CA   . GLU A 1 10 ? 9.115   -5.379  6.206   1.00 0.00 ? 10 GLU A CA   1 
ATOM   132 C C    . GLU A 1 10 ? 9.949   -4.779  7.354   1.00 0.00 ? 10 GLU A C    1 
ATOM   133 O O    . GLU A 1 10 ? 10.670  -5.484  8.030   1.00 0.00 ? 10 GLU A O    1 
ATOM   134 C CB   . GLU A 1 10 ? 10.029  -5.600  4.998   1.00 0.00 ? 10 GLU A CB   1 
ATOM   135 C CG   . GLU A 1 10 ? 10.185  -4.284  4.234   1.00 0.00 ? 10 GLU A CG   1 
ATOM   136 C CD   . GLU A 1 10 ? 11.640  -4.119  3.789   1.00 0.00 ? 10 GLU A CD   1 
ATOM   137 O OE1  . GLU A 1 10 ? 12.465  -3.810  4.632   1.00 0.00 ? 10 GLU A OE1  1 
ATOM   138 O OE2  . GLU A 1 10 ? 11.903  -4.304  2.611   1.00 0.00 ? 10 GLU A OE2  1 
ATOM   139 H H    . GLU A 1 10 ? 7.710   -3.741  6.399   1.00 0.00 ? 10 GLU A H    1 
ATOM   140 H HA   . GLU A 1 10 ? 8.712   -6.326  6.521   1.00 0.00 ? 10 GLU A HA   1 
ATOM   141 H HB2  . GLU A 1 10 ? 10.998  -5.937  5.336   1.00 0.00 ? 10 GLU A HB2  1 
ATOM   142 H HB3  . GLU A 1 10 ? 9.596   -6.345  4.346   1.00 0.00 ? 10 GLU A HB3  1 
ATOM   143 H HG2  . GLU A 1 10 ? 9.540   -4.291  3.368   1.00 0.00 ? 10 GLU A HG2  1 
ATOM   144 H HG3  . GLU A 1 10 ? 9.913   -3.461  4.879   1.00 0.00 ? 10 GLU A HG3  1 
ATOM   145 N N    . ASP A 1 11 ? 9.873   -3.497  7.578   1.00 0.00 ? 11 ASP A N    1 
ATOM   146 C CA   . ASP A 1 11 ? 10.679  -2.880  8.673   1.00 0.00 ? 11 ASP A CA   1 
ATOM   147 C C    . ASP A 1 11 ? 10.450  -3.659  9.967   1.00 0.00 ? 11 ASP A C    1 
ATOM   148 O O    . ASP A 1 11 ? 11.364  -3.912  10.727  1.00 0.00 ? 11 ASP A O    1 
ATOM   149 C CB   . ASP A 1 11 ? 10.254  -1.423  8.869   1.00 0.00 ? 11 ASP A CB   1 
ATOM   150 C CG   . ASP A 1 11 ? 11.489  -0.564  9.149   1.00 0.00 ? 11 ASP A CG   1 
ATOM   151 O OD1  . ASP A 1 11 ? 12.542  -1.136  9.384   1.00 0.00 ? 11 ASP A OD1  1 
ATOM   152 O OD2  . ASP A 1 11 ? 11.363  0.649   9.123   1.00 0.00 ? 11 ASP A OD2  1 
ATOM   153 H H    . ASP A 1 11 ? 9.299   -2.941  7.032   1.00 0.00 ? 11 ASP A H    1 
ATOM   154 H HA   . ASP A 1 11 ? 11.722  -2.918  8.409   1.00 0.00 ? 11 ASP A HA   1 
ATOM   155 H HB2  . ASP A 1 11 ? 9.761   -1.067  7.975   1.00 0.00 ? 11 ASP A HB2  1 
ATOM   156 H HB3  . ASP A 1 11 ? 9.574   -1.355  9.705   1.00 0.00 ? 11 ASP A HB3  1 
ATOM   157 N N    . ALA A 1 12 ? 9.237   -4.056  10.207  1.00 0.00 ? 12 ALA A N    1 
ATOM   158 C CA   . ALA A 1 12 ? 8.925   -4.834  11.425  1.00 0.00 ? 12 ALA A CA   1 
ATOM   159 C C    . ALA A 1 12 ? 8.428   -6.198  10.990  1.00 0.00 ? 12 ALA A C    1 
ATOM   160 O O    . ALA A 1 12 ? 8.843   -7.225  11.488  1.00 0.00 ? 12 ALA A O    1 
ATOM   161 C CB   . ALA A 1 12 ? 7.813   -4.147  12.229  1.00 0.00 ? 12 ALA A CB   1 
ATOM   162 H H    . ALA A 1 12 ? 8.533   -3.856  9.575   1.00 0.00 ? 12 ALA A H    1 
ATOM   163 H HA   . ALA A 1 12 ? 9.806   -4.935  12.021  1.00 0.00 ? 12 ALA A HA   1 
ATOM   164 H HB1  . ALA A 1 12 ? 6.855   -4.360  11.768  1.00 0.00 ? 12 ALA A HB1  1 
ATOM   165 H HB2  . ALA A 1 12 ? 7.974   -3.081  12.235  1.00 0.00 ? 12 ALA A HB2  1 
ATOM   166 H HB3  . ALA A 1 12 ? 7.810   -4.519  13.241  1.00 0.00 ? 12 ALA A HB3  1 
ATOM   167 N N    . SER A 1 13 ? 7.519   -6.192  10.061  1.00 0.00 ? 13 SER A N    1 
ATOM   168 C CA   . SER A 1 13 ? 6.932   -7.454  9.562   1.00 0.00 ? 13 SER A CA   1 
ATOM   169 C C    . SER A 1 13 ? 6.158   -7.066  8.288   1.00 0.00 ? 13 SER A C    1 
ATOM   170 O O    . SER A 1 13 ? 6.595   -6.159  7.609   1.00 0.00 ? 13 SER A O    1 
ATOM   171 C CB   . SER A 1 13 ? 6.029   -7.986  10.674  1.00 0.00 ? 13 SER A CB   1 
ATOM   172 O OG   . SER A 1 13 ? 6.699   -7.884  11.923  1.00 0.00 ? 13 SER A OG   1 
ATOM   173 H H    . SER A 1 13 ? 7.200   -5.328  9.689   1.00 0.00 ? 13 SER A H    1 
ATOM   174 H HA   . SER A 1 13 ? 7.711   -8.165  9.328   1.00 0.00 ? 13 SER A HA   1 
ATOM   175 H HB2  . SER A 1 13 ? 5.129   -7.399  10.713  1.00 0.00 ? 13 SER A HB2  1 
ATOM   176 H HB3  . SER A 1 13 ? 5.783   -9.016  10.473  1.00 0.00 ? 13 SER A HB3  1 
ATOM   177 H HG   . SER A 1 13 ? 6.035   -7.835  12.614  1.00 0.00 ? 13 SER A HG   1 
ATOM   178 N N    . PRO A 1 14 ? 5.025   -7.672  7.977   1.00 0.00 ? 14 PRO A N    1 
ATOM   179 C CA   . PRO A 1 14 ? 4.280   -7.242  6.793   1.00 0.00 ? 14 PRO A CA   1 
ATOM   180 C C    . PRO A 1 14 ? 3.553   -5.932  7.123   1.00 0.00 ? 14 PRO A C    1 
ATOM   181 O O    . PRO A 1 14 ? 2.764   -5.431  6.347   1.00 0.00 ? 14 PRO A O    1 
ATOM   182 C CB   . PRO A 1 14 ? 3.308   -8.394  6.521   1.00 0.00 ? 14 PRO A CB   1 
ATOM   183 C CG   . PRO A 1 14 ? 3.157   -9.159  7.853   1.00 0.00 ? 14 PRO A CG   1 
ATOM   184 C CD   . PRO A 1 14 ? 4.380   -8.788  8.713   1.00 0.00 ? 14 PRO A CD   1 
ATOM   185 H HA   . PRO A 1 14 ? 4.946   -7.109  5.954   1.00 0.00 ? 14 PRO A HA   1 
ATOM   186 H HB2  . PRO A 1 14 ? 2.352   -8.004  6.201   1.00 0.00 ? 14 PRO A HB2  1 
ATOM   187 H HB3  . PRO A 1 14 ? 3.713   -9.052  5.768   1.00 0.00 ? 14 PRO A HB3  1 
ATOM   188 H HG2  . PRO A 1 14 ? 2.246   -8.858  8.350   1.00 0.00 ? 14 PRO A HG2  1 
ATOM   189 H HG3  . PRO A 1 14 ? 3.148   -10.222 7.671   1.00 0.00 ? 14 PRO A HG3  1 
ATOM   190 H HD2  . PRO A 1 14 ? 4.051   -8.467  9.688   1.00 0.00 ? 14 PRO A HD2  1 
ATOM   191 H HD3  . PRO A 1 14 ? 5.058   -9.624  8.794   1.00 0.00 ? 14 PRO A HD3  1 
ATOM   192 N N    . GLU A 1 15 ? 3.824   -5.371  8.286   1.00 0.00 ? 15 GLU A N    1 
ATOM   193 C CA   . GLU A 1 15 ? 3.174   -4.107  8.683   1.00 0.00 ? 15 GLU A CA   1 
ATOM   194 C C    . GLU A 1 15 ? 4.188   -3.033  8.962   1.00 0.00 ? 15 GLU A C    1 
ATOM   195 O O    . GLU A 1 15 ? 3.918   -1.893  8.716   1.00 0.00 ? 15 GLU A O    1 
ATOM   196 C CB   . GLU A 1 15 ? 2.366   -4.298  9.956   1.00 0.00 ? 15 GLU A CB   1 
ATOM   197 C CG   . GLU A 1 15 ? 3.283   -4.502  11.161  1.00 0.00 ? 15 GLU A CG   1 
ATOM   198 C CD   . GLU A 1 15 ? 2.614   -5.450  12.157  1.00 0.00 ? 15 GLU A CD   1 
ATOM   199 O OE1  . GLU A 1 15 ? 1.984   -6.396  11.714  1.00 0.00 ? 15 GLU A OE1  1 
ATOM   200 O OE2  . GLU A 1 15 ? 2.742   -5.214  13.348  1.00 0.00 ? 15 GLU A OE2  1 
ATOM   201 H H    . GLU A 1 15 ? 4.450   -5.781  8.891   1.00 0.00 ? 15 GLU A H    1 
ATOM   202 H HA   . GLU A 1 15 ? 2.541   -3.779  7.903   1.00 0.00 ? 15 GLU A HA   1 
ATOM   203 H HB2  . GLU A 1 15 ? 1.795   -3.413  10.120  1.00 0.00 ? 15 GLU A HB2  1 
ATOM   204 H HB3  . GLU A 1 15 ? 1.720   -5.143  9.849   1.00 0.00 ? 15 GLU A HB3  1 
ATOM   205 H HG2  . GLU A 1 15 ? 4.217   -4.923  10.838  1.00 0.00 ? 15 GLU A HG2  1 
ATOM   206 H HG3  . GLU A 1 15 ? 3.459   -3.549  11.641  1.00 0.00 ? 15 GLU A HG3  1 
ATOM   207 N N    . GLU A 1 16 ? 5.311   -3.412  9.503   1.00 0.00 ? 16 GLU A N    1 
ATOM   208 C CA   . GLU A 1 16 ? 6.401   -2.467  9.880   1.00 0.00 ? 16 GLU A CA   1 
ATOM   209 C C    . GLU A 1 16 ? 5.871   -1.324  10.766  1.00 0.00 ? 16 GLU A C    1 
ATOM   210 O O    . GLU A 1 16 ? 6.284   -1.162  11.898  1.00 0.00 ? 16 GLU A O    1 
ATOM   211 C CB   . GLU A 1 16 ? 7.136   -1.911  8.652   1.00 0.00 ? 16 GLU A CB   1 
ATOM   212 C CG   . GLU A 1 16 ? 6.328   -2.128  7.381   1.00 0.00 ? 16 GLU A CG   1 
ATOM   213 C CD   . GLU A 1 16 ? 7.008   -1.395  6.220   1.00 0.00 ? 16 GLU A CD   1 
ATOM   214 O OE1  . GLU A 1 16 ? 8.146   -1.711  5.925   1.00 0.00 ? 16 GLU A OE1  1 
ATOM   215 O OE2  . GLU A 1 16 ? 6.374   -0.526  5.648   1.00 0.00 ? 16 GLU A OE2  1 
ATOM   216 H H    . GLU A 1 16 ? 5.437   -4.349  9.692   1.00 0.00 ? 16 GLU A H    1 
ATOM   217 H HA   . GLU A 1 16 ? 7.100   -3.024  10.454  1.00 0.00 ? 16 GLU A HA   1 
ATOM   218 H HB2  . GLU A 1 16 ? 7.313   -0.863  8.789   1.00 0.00 ? 16 GLU A HB2  1 
ATOM   219 H HB3  . GLU A 1 16 ? 8.085   -2.417  8.555   1.00 0.00 ? 16 GLU A HB3  1 
ATOM   220 H HG2  . GLU A 1 16 ? 6.263   -3.185  7.172   1.00 0.00 ? 16 GLU A HG2  1 
ATOM   221 H HG3  . GLU A 1 16 ? 5.348   -1.731  7.509   1.00 0.00 ? 16 GLU A HG3  1 
ATOM   222 N N    . LEU A 1 17 ? 4.991   -0.525  10.254  1.00 0.00 ? 17 LEU A N    1 
ATOM   223 C CA   . LEU A 1 17 ? 4.451   0.621   11.037  1.00 0.00 ? 17 LEU A CA   1 
ATOM   224 C C    . LEU A 1 17 ? 2.907   0.632   11.088  1.00 0.00 ? 17 LEU A C    1 
ATOM   225 O O    . LEU A 1 17 ? 2.296   1.632   10.785  1.00 0.00 ? 17 LEU A O    1 
ATOM   226 C CB   . LEU A 1 17 ? 4.924   1.939   10.407  1.00 0.00 ? 17 LEU A CB   1 
ATOM   227 C CG   . LEU A 1 17 ? 4.812   1.879   8.875   1.00 0.00 ? 17 LEU A CG   1 
ATOM   228 C CD1  . LEU A 1 17 ? 5.902   0.970   8.323   1.00 0.00 ? 17 LEU A CD1  1 
ATOM   229 C CD2  . LEU A 1 17 ? 3.442   1.333   8.455   1.00 0.00 ? 17 LEU A CD2  1 
ATOM   230 H H    . LEU A 1 17 ? 4.713   -0.666  9.354   1.00 0.00 ? 17 LEU A H    1 
ATOM   231 H HA   . LEU A 1 17 ? 4.834   0.558   12.033  1.00 0.00 ? 17 LEU A HA   1 
ATOM   232 H HB2  . LEU A 1 17 ? 4.316   2.751   10.777  1.00 0.00 ? 17 LEU A HB2  1 
ATOM   233 H HB3  . LEU A 1 17 ? 5.954   2.114   10.680  1.00 0.00 ? 17 LEU A HB3  1 
ATOM   234 H HG   . LEU A 1 17 ? 4.941   2.873   8.470   1.00 0.00 ? 17 LEU A HG   1 
ATOM   235 H HD11 . LEU A 1 17 ? 6.542   0.661   9.135   1.00 0.00 ? 17 LEU A HD11 1 
ATOM   236 H HD12 . LEU A 1 17 ? 6.479   1.499   7.585   1.00 0.00 ? 17 LEU A HD12 1 
ATOM   237 H HD13 . LEU A 1 17 ? 5.450   0.096   7.872   1.00 0.00 ? 17 LEU A HD13 1 
ATOM   238 H HD21 . LEU A 1 17 ? 3.383   1.315   7.381   1.00 0.00 ? 17 LEU A HD21 1 
ATOM   239 H HD22 . LEU A 1 17 ? 2.667   1.966   8.840   1.00 0.00 ? 17 LEU A HD22 1 
ATOM   240 H HD23 . LEU A 1 17 ? 3.309   0.330   8.838   1.00 0.00 ? 17 LEU A HD23 1 
ATOM   241 N N    . SER A 1 18 ? 2.270   -0.450  11.463  1.00 0.00 ? 18 SER A N    1 
ATOM   242 C CA   . SER A 1 18 ? 0.784   -0.469  11.540  1.00 0.00 ? 18 SER A CA   1 
ATOM   243 C C    . SER A 1 18 ? 0.226   -0.929  10.225  1.00 0.00 ? 18 SER A C    1 
ATOM   244 O O    . SER A 1 18 ? -0.068  -0.147  9.369   1.00 0.00 ? 18 SER A O    1 
ATOM   245 C CB   . SER A 1 18 ? 0.237   0.900   11.918  1.00 0.00 ? 18 SER A CB   1 
ATOM   246 O OG   . SER A 1 18 ? -0.918  0.737   12.733  1.00 0.00 ? 18 SER A OG   1 
ATOM   247 H H    . SER A 1 18 ? 2.758   -1.252  11.690  1.00 0.00 ? 18 SER A H    1 
ATOM   248 H HA   . SER A 1 18 ? 0.494   -1.167  12.269  1.00 0.00 ? 18 SER A HA   1 
ATOM   249 H HB2  . SER A 1 18 ? 0.989   1.442   12.468  1.00 0.00 ? 18 SER A HB2  1 
ATOM   250 H HB3  . SER A 1 18 ? -0.015  1.442   11.024  1.00 0.00 ? 18 SER A HB3  1 
ATOM   251 H HG   . SER A 1 18 ? -0.859  -0.118  13.165  1.00 0.00 ? 18 SER A HG   1 
ATOM   252 N N    . ARG A 1 19 ? 0.100   -2.219  10.090  1.00 0.00 ? 19 ARG A N    1 
ATOM   253 C CA   . ARG A 1 19 ? -0.411  -2.837  8.840   1.00 0.00 ? 19 ARG A CA   1 
ATOM   254 C C    . ARG A 1 19 ? 0.082   -2.025  7.645   1.00 0.00 ? 19 ARG A C    1 
ATOM   255 O O    . ARG A 1 19 ? -0.641  -1.781  6.698   1.00 0.00 ? 19 ARG A O    1 
ATOM   256 C CB   . ARG A 1 19 ? -1.942  -2.919  8.853   1.00 0.00 ? 19 ARG A CB   1 
ATOM   257 C CG   . ARG A 1 19 ? -2.555  -1.909  9.832   1.00 0.00 ? 19 ARG A CG   1 
ATOM   258 C CD   . ARG A 1 19 ? -2.810  -0.587  9.108   1.00 0.00 ? 19 ARG A CD   1 
ATOM   259 N NE   . ARG A 1 19 ? -4.166  -0.601  8.495   1.00 0.00 ? 19 ARG A NE   1 
ATOM   260 C CZ   . ARG A 1 19 ? -5.226  -0.454  9.243   1.00 0.00 ? 19 ARG A CZ   1 
ATOM   261 N NH1  . ARG A 1 19 ? -5.131  -0.563  10.541  1.00 0.00 ? 19 ARG A NH1  1 
ATOM   262 N NH2  . ARG A 1 19 ? -6.382  -0.196  8.694   1.00 0.00 ? 19 ARG A NH2  1 
ATOM   263 H H    . ARG A 1 19 ? 0.361   -2.790  10.831  1.00 0.00 ? 19 ARG A H    1 
ATOM   264 H HA   . ARG A 1 19 ? -0.007  -3.838  8.763   1.00 0.00 ? 19 ARG A HA   1 
ATOM   265 H HB2  . ARG A 1 19 ? -2.311  -2.721  7.865   1.00 0.00 ? 19 ARG A HB2  1 
ATOM   266 H HB3  . ARG A 1 19 ? -2.229  -3.916  9.152   1.00 0.00 ? 19 ARG A HB3  1 
ATOM   267 H HG2  . ARG A 1 19 ? -3.493  -2.300  10.201  1.00 0.00 ? 19 ARG A HG2  1 
ATOM   268 H HG3  . ARG A 1 19 ? -1.891  -1.745  10.661  1.00 0.00 ? 19 ARG A HG3  1 
ATOM   269 H HD2  . ARG A 1 19 ? -2.748  0.226   9.810   1.00 0.00 ? 19 ARG A HD2  1 
ATOM   270 H HD3  . ARG A 1 19 ? -2.067  -0.452  8.333   1.00 0.00 ? 19 ARG A HD3  1 
ATOM   271 H HE   . ARG A 1 19 ? -4.260  -0.712  7.530   1.00 0.00 ? 19 ARG A HE   1 
ATOM   272 H HH11 . ARG A 1 19 ? -4.245  -0.759  10.963  1.00 0.00 ? 19 ARG A HH11 1 
ATOM   273 H HH12 . ARG A 1 19 ? -5.942  -0.450  11.114  1.00 0.00 ? 19 ARG A HH12 1 
ATOM   274 H HH21 . ARG A 1 19 ? -6.455  -0.110  7.700   1.00 0.00 ? 19 ARG A HH21 1 
ATOM   275 H HH22 . ARG A 1 19 ? -7.194  -0.086  9.266   1.00 0.00 ? 19 ARG A HH22 1 
ATOM   276 N N    . TYR A 1 20 ? 1.318   -1.589  7.707   1.00 0.00 ? 20 TYR A N    1 
ATOM   277 C CA   . TYR A 1 20 ? 1.896   -0.770  6.612   1.00 0.00 ? 20 TYR A CA   1 
ATOM   278 C C    . TYR A 1 20 ? 0.850   0.244   6.192   1.00 0.00 ? 20 TYR A C    1 
ATOM   279 O O    . TYR A 1 20 ? 0.801   0.713   5.085   1.00 0.00 ? 20 TYR A O    1 
ATOM   280 C CB   . TYR A 1 20 ? 2.278   -1.657  5.442   1.00 0.00 ? 20 TYR A CB   1 
ATOM   281 C CG   . TYR A 1 20 ? 1.032   -2.196  4.803   1.00 0.00 ? 20 TYR A CG   1 
ATOM   282 C CD1  . TYR A 1 20 ? 0.328   -1.416  3.877   1.00 0.00 ? 20 TYR A CD1  1 
ATOM   283 C CD2  . TYR A 1 20 ? 0.574   -3.472  5.131   1.00 0.00 ? 20 TYR A CD2  1 
ATOM   284 C CE1  . TYR A 1 20 ? -0.826  -1.903  3.287   1.00 0.00 ? 20 TYR A CE1  1 
ATOM   285 C CE2  . TYR A 1 20 ? -0.586  -3.962  4.530   1.00 0.00 ? 20 TYR A CE2  1 
ATOM   286 C CZ   . TYR A 1 20 ? -1.280  -3.172  3.607   1.00 0.00 ? 20 TYR A CZ   1 
ATOM   287 O OH   . TYR A 1 20 ? -2.427  -3.658  3.013   1.00 0.00 ? 20 TYR A OH   1 
ATOM   288 H H    . TYR A 1 20 ? 1.854   -1.789  8.488   1.00 0.00 ? 20 TYR A H    1 
ATOM   289 H HA   . TYR A 1 20 ? 2.771   -0.264  6.972   1.00 0.00 ? 20 TYR A HA   1 
ATOM   290 H HB2  . TYR A 1 20 ? 2.835   -1.075  4.724   1.00 0.00 ? 20 TYR A HB2  1 
ATOM   291 H HB3  . TYR A 1 20 ? 2.883   -2.474  5.800   1.00 0.00 ? 20 TYR A HB3  1 
ATOM   292 H HD1  . TYR A 1 20 ? 0.681   -0.438  3.616   1.00 0.00 ? 20 TYR A HD1  1 
ATOM   293 H HD2  . TYR A 1 20 ? 1.115   -4.076  5.845   1.00 0.00 ? 20 TYR A HD2  1 
ATOM   294 H HE1  . TYR A 1 20 ? -1.363  -1.301  2.571   1.00 0.00 ? 20 TYR A HE1  1 
ATOM   295 H HE2  . TYR A 1 20 ? -0.947  -4.950  4.779   1.00 0.00 ? 20 TYR A HE2  1 
ATOM   296 H HH   . TYR A 1 20 ? -2.541  -4.569  3.293   1.00 0.00 ? 20 TYR A HH   1 
ATOM   297 N N    . TYR A 1 21 ? 0.025   0.596   7.109   1.00 0.00 ? 21 TYR A N    1 
ATOM   298 C CA   . TYR A 1 21 ? -1.038  1.574   6.844   1.00 0.00 ? 21 TYR A CA   1 
ATOM   299 C C    . TYR A 1 21 ? -0.404  2.723   6.039   1.00 0.00 ? 21 TYR A C    1 
ATOM   300 O O    . TYR A 1 21 ? -0.984  3.312   5.138   1.00 0.00 ? 21 TYR A O    1 
ATOM   301 C CB   . TYR A 1 21 ? -1.536  2.079   8.211   1.00 0.00 ? 21 TYR A CB   1 
ATOM   302 C CG   . TYR A 1 21 ? -0.611  3.171   8.620   1.00 0.00 ? 21 TYR A CG   1 
ATOM   303 C CD1  . TYR A 1 21 ? 0.584   2.847   9.239   1.00 0.00 ? 21 TYR A CD1  1 
ATOM   304 C CD2  . TYR A 1 21 ? -0.897  4.494   8.275   1.00 0.00 ? 21 TYR A CD2  1 
ATOM   305 C CE1  . TYR A 1 21 ? 1.506   3.845   9.537   1.00 0.00 ? 21 TYR A CE1  1 
ATOM   306 C CE2  . TYR A 1 21 ? 0.028   5.495   8.556   1.00 0.00 ? 21 TYR A CE2  1 
ATOM   307 C CZ   . TYR A 1 21 ? 1.228   5.166   9.188   1.00 0.00 ? 21 TYR A CZ   1 
ATOM   308 O OH   . TYR A 1 21 ? 2.149   6.155   9.467   1.00 0.00 ? 21 TYR A OH   1 
ATOM   309 H H    . TYR A 1 21 ? 0.124   0.230   7.992   1.00 0.00 ? 21 TYR A H    1 
ATOM   310 H HA   . TYR A 1 21 ? -1.834  1.105   6.300   1.00 0.00 ? 21 TYR A HA   1 
ATOM   311 H HB2  . TYR A 1 21 ? -2.542  2.443   8.139   1.00 0.00 ? 21 TYR A HB2  1 
ATOM   312 H HB3  . TYR A 1 21 ? -1.489  1.284   8.932   1.00 0.00 ? 21 TYR A HB3  1 
ATOM   313 H HD1  . TYR A 1 21 ? 0.791   1.822   9.493   1.00 0.00 ? 21 TYR A HD1  1 
ATOM   314 H HD2  . TYR A 1 21 ? -1.833  4.737   7.792   1.00 0.00 ? 21 TYR A HD2  1 
ATOM   315 H HE1  . TYR A 1 21 ? 2.435   3.596   10.025  1.00 0.00 ? 21 TYR A HE1  1 
ATOM   316 H HE2  . TYR A 1 21 ? -0.184  6.520   8.292   1.00 0.00 ? 21 TYR A HE2  1 
ATOM   317 H HH   . TYR A 1 21 ? 1.697   7.001   9.428   1.00 0.00 ? 21 TYR A HH   1 
ATOM   318 N N    . ALA A 1 22 ? 0.816   3.020   6.384   1.00 0.00 ? 22 ALA A N    1 
ATOM   319 C CA   . ALA A 1 22 ? 1.553   4.101   5.699   1.00 0.00 ? 22 ALA A CA   1 
ATOM   320 C C    . ALA A 1 22 ? 1.654   3.763   4.223   1.00 0.00 ? 22 ALA A C    1 
ATOM   321 O O    . ALA A 1 22 ? 1.380   4.573   3.374   1.00 0.00 ? 22 ALA A O    1 
ATOM   322 C CB   . ALA A 1 22 ? 2.957   4.229   6.297   1.00 0.00 ? 22 ALA A CB   1 
ATOM   323 H H    . ALA A 1 22 ? 1.248   2.513   7.102   1.00 0.00 ? 22 ALA A H    1 
ATOM   324 H HA   . ALA A 1 22 ? 1.023   5.028   5.826   1.00 0.00 ? 22 ALA A HA   1 
ATOM   325 H HB1  . ALA A 1 22 ? 3.268   5.262   6.268   1.00 0.00 ? 22 ALA A HB1  1 
ATOM   326 H HB2  . ALA A 1 22 ? 3.650   3.628   5.726   1.00 0.00 ? 22 ALA A HB2  1 
ATOM   327 H HB3  . ALA A 1 22 ? 2.945   3.885   7.321   1.00 0.00 ? 22 ALA A HB3  1 
ATOM   328 N N    . SER A 1 23 ? 2.051   2.568   3.912   1.00 0.00 ? 23 SER A N    1 
ATOM   329 C CA   . SER A 1 23 ? 2.171   2.178   2.490   1.00 0.00 ? 23 SER A CA   1 
ATOM   330 C C    . SER A 1 23 ? 0.803   2.250   1.809   1.00 0.00 ? 23 SER A C    1 
ATOM   331 O O    . SER A 1 23 ? 0.724   2.401   0.610   1.00 0.00 ? 23 SER A O    1 
ATOM   332 C CB   . SER A 1 23 ? 2.738   0.762   2.387   1.00 0.00 ? 23 SER A CB   1 
ATOM   333 O OG   . SER A 1 23 ? 3.424   0.623   1.150   1.00 0.00 ? 23 SER A OG   1 
ATOM   334 H H    . SER A 1 23 ? 2.277   1.934   4.612   1.00 0.00 ? 23 SER A H    1 
ATOM   335 H HA   . SER A 1 23 ? 2.831   2.861   2.006   1.00 0.00 ? 23 SER A HA   1 
ATOM   336 H HB2  . SER A 1 23 ? 3.429   0.590   3.195   1.00 0.00 ? 23 SER A HB2  1 
ATOM   337 H HB3  . SER A 1 23 ? 1.934   0.047   2.446   1.00 0.00 ? 23 SER A HB3  1 
ATOM   338 H HG   . SER A 1 23 ? 4.200   0.077   1.300   1.00 0.00 ? 23 SER A HG   1 
ATOM   339 N N    . LEU A 1 24 ? -0.265  2.167   2.566   1.00 0.00 ? 24 LEU A N    1 
ATOM   340 C CA   . LEU A 1 24 ? -1.641  2.247   1.971   1.00 0.00 ? 24 LEU A CA   1 
ATOM   341 C C    . LEU A 1 24 ? -1.649  3.213   0.788   1.00 0.00 ? 24 LEU A C    1 
ATOM   342 O O    . LEU A 1 24 ? -2.410  3.064   -0.146  1.00 0.00 ? 24 LEU A O    1 
ATOM   343 C CB   . LEU A 1 24 ? -2.613  2.757   3.031   1.00 0.00 ? 24 LEU A CB   1 
ATOM   344 C CG   . LEU A 1 24 ? -2.717  1.728   4.150   1.00 0.00 ? 24 LEU A CG   1 
ATOM   345 C CD1  . LEU A 1 24 ? -3.536  2.316   5.298   1.00 0.00 ? 24 LEU A CD1  1 
ATOM   346 C CD2  . LEU A 1 24 ? -3.397  0.470   3.618   1.00 0.00 ? 24 LEU A CD2  1 
ATOM   347 H H    . LEU A 1 24 ? -0.163  2.062   3.535   1.00 0.00 ? 24 LEU A H    1 
ATOM   348 H HA   . LEU A 1 24 ? -1.952  1.268   1.641   1.00 0.00 ? 24 LEU A HA   1 
ATOM   349 H HB2  . LEU A 1 24 ? -2.248  3.693   3.430   1.00 0.00 ? 24 LEU A HB2  1 
ATOM   350 H HB3  . LEU A 1 24 ? -3.585  2.907   2.589   1.00 0.00 ? 24 LEU A HB3  1 
ATOM   351 H HG   . LEU A 1 24 ? -1.727  1.481   4.503   1.00 0.00 ? 24 LEU A HG   1 
ATOM   352 H HD11 . LEU A 1 24 ? -4.341  2.912   4.897   1.00 0.00 ? 24 LEU A HD11 1 
ATOM   353 H HD12 . LEU A 1 24 ? -2.899  2.937   5.912   1.00 0.00 ? 24 LEU A HD12 1 
ATOM   354 H HD13 . LEU A 1 24 ? -3.942  1.515   5.896   1.00 0.00 ? 24 LEU A HD13 1 
ATOM   355 H HD21 . LEU A 1 24 ? -4.054  0.735   2.803   1.00 0.00 ? 24 LEU A HD21 1 
ATOM   356 H HD22 . LEU A 1 24 ? -3.966  0.006   4.408   1.00 0.00 ? 24 LEU A HD22 1 
ATOM   357 H HD23 . LEU A 1 24 ? -2.646  -0.217  3.264   1.00 0.00 ? 24 LEU A HD23 1 
ATOM   358 N N    . ARG A 1 25 ? -0.800  4.200   0.842   1.00 0.00 ? 25 ARG A N    1 
ATOM   359 C CA   . ARG A 1 25 ? -0.711  5.215   -0.263  1.00 0.00 ? 25 ARG A CA   1 
ATOM   360 C C    . ARG A 1 25 ? -1.042  4.564   -1.599  1.00 0.00 ? 25 ARG A C    1 
ATOM   361 O O    . ARG A 1 25 ? -1.884  5.032   -2.350  1.00 0.00 ? 25 ARG A O    1 
ATOM   362 C CB   . ARG A 1 25 ? 0.722   5.772   -0.366  1.00 0.00 ? 25 ARG A CB   1 
ATOM   363 C CG   . ARG A 1 25 ? 1.445   5.710   0.988   1.00 0.00 ? 25 ARG A CG   1 
ATOM   364 C CD   . ARG A 1 25 ? 0.704   6.570   2.021   1.00 0.00 ? 25 ARG A CD   1 
ATOM   365 N NE   . ARG A 1 25 ? -0.053  7.632   1.309   1.00 0.00 ? 25 ARG A NE   1 
ATOM   366 C CZ   . ARG A 1 25 ? 0.025   8.872   1.709   1.00 0.00 ? 25 ARG A CZ   1 
ATOM   367 N NH1  . ARG A 1 25 ? 0.160   9.141   2.979   1.00 0.00 ? 25 ARG A NH1  1 
ATOM   368 N NH2  . ARG A 1 25 ? -0.025  9.843   0.838   1.00 0.00 ? 25 ARG A NH2  1 
ATOM   369 H H    . ARG A 1 25 ? -0.217  4.272   1.623   1.00 0.00 ? 25 ARG A H    1 
ATOM   370 H HA   . ARG A 1 25 ? -1.404  6.015   -0.076  1.00 0.00 ? 25 ARG A HA   1 
ATOM   371 H HB2  . ARG A 1 25 ? 1.275   5.191   -1.088  1.00 0.00 ? 25 ARG A HB2  1 
ATOM   372 H HB3  . ARG A 1 25 ? 0.678   6.799   -0.698  1.00 0.00 ? 25 ARG A HB3  1 
ATOM   373 H HG2  . ARG A 1 25 ? 1.489   4.687   1.326   1.00 0.00 ? 25 ARG A HG2  1 
ATOM   374 H HG3  . ARG A 1 25 ? 2.449   6.087   0.870   1.00 0.00 ? 25 ARG A HG3  1 
ATOM   375 H HD2  . ARG A 1 25 ? 0.019   5.952   2.589   1.00 0.00 ? 25 ARG A HD2  1 
ATOM   376 H HD3  . ARG A 1 25 ? 1.418   7.024   2.698   1.00 0.00 ? 25 ARG A HD3  1 
ATOM   377 H HE   . ARG A 1 25 ? -0.595  7.396   0.526   1.00 0.00 ? 25 ARG A HE   1 
ATOM   378 H HH11 . ARG A 1 25 ? 0.204   8.397   3.646   1.00 0.00 ? 25 ARG A HH11 1 
ATOM   379 H HH12 . ARG A 1 25 ? 0.223   10.092  3.286   1.00 0.00 ? 25 ARG A HH12 1 
ATOM   380 H HH21 . ARG A 1 25 ? -0.124  9.638   -0.136  1.00 0.00 ? 25 ARG A HH21 1 
ATOM   381 H HH22 . ARG A 1 25 ? 0.039   10.793  1.144   1.00 0.00 ? 25 ARG A HH22 1 
ATOM   382 N N    . HIS A 1 26 ? -0.346  3.500   -1.891  1.00 0.00 ? 26 HIS A N    1 
ATOM   383 C CA   . HIS A 1 26 ? -0.544  2.756   -3.185  1.00 0.00 ? 26 HIS A CA   1 
ATOM   384 C C    . HIS A 1 26 ? -1.911  3.028   -3.748  1.00 0.00 ? 26 HIS A C    1 
ATOM   385 O O    . HIS A 1 26 ? -2.089  3.447   -4.866  1.00 0.00 ? 26 HIS A O    1 
ATOM   386 C CB   . HIS A 1 26 ? -0.520  1.235   -2.990  1.00 0.00 ? 26 HIS A CB   1 
ATOM   387 C CG   . HIS A 1 26 ? -0.254  0.837   -1.573  1.00 0.00 ? 26 HIS A CG   1 
ATOM   388 N ND1  . HIS A 1 26 ? 0.976   0.360   -1.166  1.00 0.00 ? 26 HIS A ND1  1 
ATOM   389 C CD2  . HIS A 1 26 ? -1.080  0.738   -0.486  1.00 0.00 ? 26 HIS A CD2  1 
ATOM   390 C CE1  . HIS A 1 26 ? 0.858   -0.014  0.118   1.00 0.00 ? 26 HIS A CE1  1 
ATOM   391 N NE2  . HIS A 1 26 ? -0.376  0.196   0.584   1.00 0.00 ? 26 HIS A NE2  1 
ATOM   392 H H    . HIS A 1 26 ? 0.328   3.206   -1.254  1.00 0.00 ? 26 HIS A H    1 
ATOM   393 H HA   . HIS A 1 26 ? 0.212   3.033   -3.896  1.00 0.00 ? 26 HIS A HA   1 
ATOM   394 H HB2  . HIS A 1 26 ? -1.492  0.838   -3.271  1.00 0.00 ? 26 HIS A HB2  1 
ATOM   395 H HB3  . HIS A 1 26 ? 0.226   0.811   -3.629  1.00 0.00 ? 26 HIS A HB3  1 
ATOM   396 H HD1  . HIS A 1 26 ? 1.788   0.305   -1.713  1.00 0.00 ? 26 HIS A HD1  1 
ATOM   397 H HD2  . HIS A 1 26 ? -2.124  1.017   -0.472  1.00 0.00 ? 26 HIS A HD2  1 
ATOM   398 H HE1  . HIS A 1 26 ? 1.659   -0.426  0.701   1.00 0.00 ? 26 HIS A HE1  1 
ATOM   399 N N    . TYR A 1 27 ? -2.873  2.696   -2.975  1.00 0.00 ? 27 TYR A N    1 
ATOM   400 C CA   . TYR A 1 27 ? -4.260  2.812   -3.415  1.00 0.00 ? 27 TYR A CA   1 
ATOM   401 C C    . TYR A 1 27 ? -4.495  3.925   -4.440  1.00 0.00 ? 27 TYR A C    1 
ATOM   402 O O    . TYR A 1 27 ? -4.502  3.677   -5.622  1.00 0.00 ? 27 TYR A O    1 
ATOM   403 C CB   . TYR A 1 27 ? -5.177  3.037   -2.241  1.00 0.00 ? 27 TYR A CB   1 
ATOM   404 C CG   . TYR A 1 27 ? -6.575  3.042   -2.779  1.00 0.00 ? 27 TYR A CG   1 
ATOM   405 C CD1  . TYR A 1 27 ? -6.842  2.569   -4.080  1.00 0.00 ? 27 TYR A CD1  1 
ATOM   406 C CD2  . TYR A 1 27 ? -7.620  3.519   -1.990  1.00 0.00 ? 27 TYR A CD2  1 
ATOM   407 C CE1  . TYR A 1 27 ? -8.126  2.575   -4.574  1.00 0.00 ? 27 TYR A CE1  1 
ATOM   408 C CE2  . TYR A 1 27 ? -8.915  3.518   -2.500  1.00 0.00 ? 27 TYR A CE2  1 
ATOM   409 C CZ   . TYR A 1 27 ? -9.154  3.041   -3.793  1.00 0.00 ? 27 TYR A CZ   1 
ATOM   410 O OH   . TYR A 1 27 ? -10.438 3.048   -4.297  1.00 0.00 ? 27 TYR A OH   1 
ATOM   411 H H    . TYR A 1 27 ? -2.676  2.302   -2.102  1.00 0.00 ? 27 TYR A H    1 
ATOM   412 H HA   . TYR A 1 27 ? -4.531  1.874   -3.870  1.00 0.00 ? 27 TYR A HA   1 
ATOM   413 H HB2  . TYR A 1 27 ? -5.059  2.237   -1.523  1.00 0.00 ? 27 TYR A HB2  1 
ATOM   414 H HB3  . TYR A 1 27 ? -4.961  3.987   -1.777  1.00 0.00 ? 27 TYR A HB3  1 
ATOM   415 H HD1  . TYR A 1 27 ? -6.045  2.198   -4.701  1.00 0.00 ? 27 TYR A HD1  1 
ATOM   416 H HD2  . TYR A 1 27 ? -7.427  3.885   -0.994  1.00 0.00 ? 27 TYR A HD2  1 
ATOM   417 H HE1  . TYR A 1 27 ? -8.325  2.218   -5.571  1.00 0.00 ? 27 TYR A HE1  1 
ATOM   418 H HE2  . TYR A 1 27 ? -9.736  3.882   -1.898  1.00 0.00 ? 27 TYR A HE2  1 
ATOM   419 H HH   . TYR A 1 27 ? -11.002 2.573   -3.684  1.00 0.00 ? 27 TYR A HH   1 
ATOM   420 N N    . LEU A 1 28 ? -4.758  5.131   -4.017  1.00 0.00 ? 28 LEU A N    1 
ATOM   421 C CA   . LEU A 1 28 ? -5.058  6.182   -5.016  1.00 0.00 ? 28 LEU A CA   1 
ATOM   422 C C    . LEU A 1 28 ? -3.791  6.894   -5.468  1.00 0.00 ? 28 LEU A C    1 
ATOM   423 O O    . LEU A 1 28 ? -3.807  8.018   -5.923  1.00 0.00 ? 28 LEU A O    1 
ATOM   424 C CB   . LEU A 1 28 ? -6.097  7.157   -4.480  1.00 0.00 ? 28 LEU A CB   1 
ATOM   425 C CG   . LEU A 1 28 ? -7.450  6.800   -5.116  1.00 0.00 ? 28 LEU A CG   1 
ATOM   426 C CD1  . LEU A 1 28 ? -7.351  6.917   -6.641  1.00 0.00 ? 28 LEU A CD1  1 
ATOM   427 C CD2  . LEU A 1 28 ? -7.821  5.355   -4.764  1.00 0.00 ? 28 LEU A CD2  1 
ATOM   428 H H    . LEU A 1 28 ? -4.800  5.327   -3.074  1.00 0.00 ? 28 LEU A H    1 
ATOM   429 H HA   . LEU A 1 28 ? -5.478  5.688   -5.871  1.00 0.00 ? 28 LEU A HA   1 
ATOM   430 H HB2  . LEU A 1 28 ? -6.160  7.069   -3.404  1.00 0.00 ? 28 LEU A HB2  1 
ATOM   431 H HB3  . LEU A 1 28 ? -5.826  8.165   -4.752  1.00 0.00 ? 28 LEU A HB3  1 
ATOM   432 H HG   . LEU A 1 28 ? -8.213  7.472   -4.748  1.00 0.00 ? 28 LEU A HG   1 
ATOM   433 H HD11 . LEU A 1 28 ? -6.892  6.023   -7.043  1.00 0.00 ? 28 LEU A HD11 1 
ATOM   434 H HD12 . LEU A 1 28 ? -6.752  7.776   -6.901  1.00 0.00 ? 28 LEU A HD12 1 
ATOM   435 H HD13 . LEU A 1 28 ? -8.341  7.028   -7.061  1.00 0.00 ? 28 LEU A HD13 1 
ATOM   436 H HD21 . LEU A 1 28 ? -7.161  4.675   -5.287  1.00 0.00 ? 28 LEU A HD21 1 
ATOM   437 H HD22 . LEU A 1 28 ? -8.842  5.161   -5.062  1.00 0.00 ? 28 LEU A HD22 1 
ATOM   438 H HD23 . LEU A 1 28 ? -7.723  5.202   -3.700  1.00 0.00 ? 28 LEU A HD23 1 
ATOM   439 N N    . ASN A 1 29 ? -2.709  6.202   -5.405  1.00 0.00 ? 29 ASN A N    1 
ATOM   440 C CA   . ASN A 1 29 ? -1.430  6.742   -5.907  1.00 0.00 ? 29 ASN A CA   1 
ATOM   441 C C    . ASN A 1 29 ? -0.760  5.613   -6.726  1.00 0.00 ? 29 ASN A C    1 
ATOM   442 O O    . ASN A 1 29 ? 0.374   5.705   -7.151  1.00 0.00 ? 29 ASN A O    1 
ATOM   443 C CB   . ASN A 1 29 ? -0.559  7.254   -4.739  1.00 0.00 ? 29 ASN A CB   1 
ATOM   444 C CG   . ASN A 1 29 ? 0.646   6.349   -4.528  1.00 0.00 ? 29 ASN A CG   1 
ATOM   445 O OD1  . ASN A 1 29 ? 1.763   6.809   -4.400  1.00 0.00 ? 29 ASN A OD1  1 
ATOM   446 N ND2  . ASN A 1 29 ? 0.457   5.070   -4.492  1.00 0.00 ? 29 ASN A ND2  1 
ATOM   447 H H    . ASN A 1 29 ? -2.749  5.297   -5.068  1.00 0.00 ? 29 ASN A H    1 
ATOM   448 H HA   . ASN A 1 29 ? -1.653  7.549   -6.569  1.00 0.00 ? 29 ASN A HA   1 
ATOM   449 H HB2  . ASN A 1 29 ? -0.218  8.254   -4.960  1.00 0.00 ? 29 ASN A HB2  1 
ATOM   450 H HB3  . ASN A 1 29 ? -1.153  7.274   -3.836  1.00 0.00 ? 29 ASN A HB3  1 
ATOM   451 H HD21 . ASN A 1 29 ? -0.454  4.712   -4.597  1.00 0.00 ? 29 ASN A HD21 1 
ATOM   452 H HD22 . ASN A 1 29 ? 1.211   4.468   -4.379  1.00 0.00 ? 29 ASN A HD22 1 
ATOM   453 N N    . LEU A 1 30 ? -1.507  4.553   -6.950  1.00 0.00 ? 30 LEU A N    1 
ATOM   454 C CA   . LEU A 1 30 ? -1.043  3.381   -7.736  1.00 0.00 ? 30 LEU A CA   1 
ATOM   455 C C    . LEU A 1 30 ? -2.187  2.986   -8.680  1.00 0.00 ? 30 LEU A C    1 
ATOM   456 O O    . LEU A 1 30 ? -1.986  2.507   -9.771  1.00 0.00 ? 30 LEU A O    1 
ATOM   457 C CB   . LEU A 1 30 ? -0.692  2.213   -6.772  1.00 0.00 ? 30 LEU A CB   1 
ATOM   458 C CG   . LEU A 1 30 ? -1.649  1.012   -6.930  1.00 0.00 ? 30 LEU A CG   1 
ATOM   459 C CD1  . LEU A 1 30 ? -0.973  -0.066  -7.773  1.00 0.00 ? 30 LEU A CD1  1 
ATOM   460 C CD2  . LEU A 1 30 ? -1.991  0.447   -5.551  1.00 0.00 ? 30 LEU A CD2  1 
ATOM   461 H H    . LEU A 1 30 ? -2.398  4.538   -6.608  1.00 0.00 ? 30 LEU A H    1 
ATOM   462 H HA   . LEU A 1 30 ? -0.181  3.659   -8.307  1.00 0.00 ? 30 LEU A HA   1 
ATOM   463 H HB2  . LEU A 1 30 ? 0.307   1.883   -6.974  1.00 0.00 ? 30 LEU A HB2  1 
ATOM   464 H HB3  . LEU A 1 30 ? -0.738  2.564   -5.757  1.00 0.00 ? 30 LEU A HB3  1 
ATOM   465 H HG   . LEU A 1 30 ? -2.556  1.316   -7.416  1.00 0.00 ? 30 LEU A HG   1 
ATOM   466 H HD11 . LEU A 1 30 ? -0.406  0.401   -8.564  1.00 0.00 ? 30 LEU A HD11 1 
ATOM   467 H HD12 . LEU A 1 30 ? -1.725  -0.711  -8.202  1.00 0.00 ? 30 LEU A HD12 1 
ATOM   468 H HD13 . LEU A 1 30 ? -0.312  -0.647  -7.150  1.00 0.00 ? 30 LEU A HD13 1 
ATOM   469 H HD21 . LEU A 1 30 ? -2.570  -0.456  -5.667  1.00 0.00 ? 30 LEU A HD21 1 
ATOM   470 H HD22 . LEU A 1 30 ? -2.568  1.175   -5.000  1.00 0.00 ? 30 LEU A HD22 1 
ATOM   471 H HD23 . LEU A 1 30 ? -1.081  0.228   -5.016  1.00 0.00 ? 30 LEU A HD23 1 
ATOM   472 N N    . VAL A 1 31 ? -3.395  3.168   -8.224  1.00 0.00 ? 31 VAL A N    1 
ATOM   473 C CA   . VAL A 1 31 ? -4.586  2.823   -9.015  1.00 0.00 ? 31 VAL A CA   1 
ATOM   474 C C    . VAL A 1 31 ? -5.196  4.123   -9.544  1.00 0.00 ? 31 VAL A C    1 
ATOM   475 O O    . VAL A 1 31 ? -5.911  4.157   -10.526 1.00 0.00 ? 31 VAL A O    1 
ATOM   476 C CB   . VAL A 1 31 ? -5.592  2.111   -8.089  1.00 0.00 ? 31 VAL A CB   1 
ATOM   477 C CG1  . VAL A 1 31 ? -4.842  1.262   -7.059  1.00 0.00 ? 31 VAL A CG1  1 
ATOM   478 C CG2  . VAL A 1 31 ? -6.426  3.150   -7.334  1.00 0.00 ? 31 VAL A CG2  1 
ATOM   479 H H    . VAL A 1 31 ? -3.521  3.521   -7.345  1.00 0.00 ? 31 VAL A H    1 
ATOM   480 H HA   . VAL A 1 31 ? -4.304  2.192   -9.815  1.00 0.00 ? 31 VAL A HA   1 
ATOM   481 H HB   . VAL A 1 31 ? -6.240  1.478   -8.670  1.00 0.00 ? 31 VAL A HB   1 
ATOM   482 H HG11 . VAL A 1 31 ? -4.088  1.866   -6.580  1.00 0.00 ? 31 VAL A HG11 1 
ATOM   483 H HG12 . VAL A 1 31 ? -4.376  0.423   -7.548  1.00 0.00 ? 31 VAL A HG12 1 
ATOM   484 H HG13 . VAL A 1 31 ? -5.537  0.904   -6.314  1.00 0.00 ? 31 VAL A HG13 1 
ATOM   485 H HG21 . VAL A 1 31 ? -5.844  4.049   -7.201  1.00 0.00 ? 31 VAL A HG21 1 
ATOM   486 H HG22 . VAL A 1 31 ? -6.698  2.754   -6.372  1.00 0.00 ? 31 VAL A HG22 1 
ATOM   487 H HG23 . VAL A 1 31 ? -7.317  3.378   -7.896  1.00 0.00 ? 31 VAL A HG23 1 
ATOM   488 N N    . THR A 1 32 ? -4.919  5.181   -8.850  1.00 0.00 ? 32 THR A N    1 
ATOM   489 C CA   . THR A 1 32 ? -5.446  6.521   -9.191  1.00 0.00 ? 32 THR A CA   1 
ATOM   490 C C    . THR A 1 32 ? -5.438  6.787   -10.708 1.00 0.00 ? 32 THR A C    1 
ATOM   491 O O    . THR A 1 32 ? -6.423  6.557   -11.380 1.00 0.00 ? 32 THR A O    1 
ATOM   492 C CB   . THR A 1 32 ? -4.589  7.547   -8.454  1.00 0.00 ? 32 THR A CB   1 
ATOM   493 O OG1  . THR A 1 32 ? -4.649  8.800   -9.118  1.00 0.00 ? 32 THR A OG1  1 
ATOM   494 C CG2  . THR A 1 32 ? -3.148  7.056   -8.388  1.00 0.00 ? 32 THR A CG2  1 
ATOM   495 H H    . THR A 1 32 ? -4.355  5.090   -8.058  1.00 0.00 ? 32 THR A H    1 
ATOM   496 H HA   . THR A 1 32 ? -6.461  6.597   -8.831  1.00 0.00 ? 32 THR A HA   1 
ATOM   497 H HB   . THR A 1 32 ? -4.954  7.648   -7.451  1.00 0.00 ? 32 THR A HB   1 
ATOM   498 H HG1  . THR A 1 32 ? -5.573  9.055   -9.186  1.00 0.00 ? 32 THR A HG1  1 
ATOM   499 H HG21 . THR A 1 32 ? -2.492  7.885   -8.190  1.00 0.00 ? 32 THR A HG21 1 
ATOM   500 H HG22 . THR A 1 32 ? -2.887  6.600   -9.322  1.00 0.00 ? 32 THR A HG22 1 
ATOM   501 H HG23 . THR A 1 32 ? -3.056  6.326   -7.596  1.00 0.00 ? 32 THR A HG23 1 
ATOM   502 N N    . ARG A 1 33 ? -4.370  7.317   -11.253 1.00 0.00 ? 33 ARG A N    1 
ATOM   503 C CA   . ARG A 1 33 ? -4.383  7.634   -12.716 1.00 0.00 ? 33 ARG A CA   1 
ATOM   504 C C    . ARG A 1 33 ? -3.223  6.965   -13.454 1.00 0.00 ? 33 ARG A C    1 
ATOM   505 O O    . ARG A 1 33 ? -3.368  6.547   -14.586 1.00 0.00 ? 33 ARG A O    1 
ATOM   506 C CB   . ARG A 1 33 ? -4.269  9.149   -12.915 1.00 0.00 ? 33 ARG A CB   1 
ATOM   507 C CG   . ARG A 1 33 ? -4.800  9.886   -11.683 1.00 0.00 ? 33 ARG A CG   1 
ATOM   508 C CD   . ARG A 1 33 ? -3.626  10.493  -10.910 1.00 0.00 ? 33 ARG A CD   1 
ATOM   509 N NE   . ARG A 1 33 ? -3.291  11.827  -11.482 1.00 0.00 ? 33 ARG A NE   1 
ATOM   510 C CZ   . ARG A 1 33 ? -2.127  12.369  -11.240 1.00 0.00 ? 33 ARG A CZ   1 
ATOM   511 N NH1  . ARG A 1 33 ? -1.033  11.716  -11.520 1.00 0.00 ? 33 ARG A NH1  1 
ATOM   512 N NH2  . ARG A 1 33 ? -2.058  13.565  -10.721 1.00 0.00 ? 33 ARG A NH2  1 
ATOM   513 H H    . ARG A 1 33 ? -3.591  7.541   -10.707 1.00 0.00 ? 33 ARG A H    1 
ATOM   514 H HA   . ARG A 1 33 ? -5.315  7.294   -13.143 1.00 0.00 ? 33 ARG A HA   1 
ATOM   515 H HB2  . ARG A 1 33 ? -3.233  9.412   -13.070 1.00 0.00 ? 33 ARG A HB2  1 
ATOM   516 H HB3  . ARG A 1 33 ? -4.845  9.440   -13.781 1.00 0.00 ? 33 ARG A HB3  1 
ATOM   517 H HG2  . ARG A 1 33 ? -5.469  10.670  -11.999 1.00 0.00 ? 33 ARG A HG2  1 
ATOM   518 H HG3  . ARG A 1 33 ? -5.332  9.197   -11.047 1.00 0.00 ? 33 ARG A HG3  1 
ATOM   519 H HD2  . ARG A 1 33 ? -3.899  10.606  -9.871  1.00 0.00 ? 33 ARG A HD2  1 
ATOM   520 H HD3  . ARG A 1 33 ? -2.768  9.841   -10.988 1.00 0.00 ? 33 ARG A HD3  1 
ATOM   521 H HE   . ARG A 1 33 ? -3.944  12.300  -12.039 1.00 0.00 ? 33 ARG A HE   1 
ATOM   522 H HH11 . ARG A 1 33 ? -1.083  10.802  -11.921 1.00 0.00 ? 33 ARG A HH11 1 
ATOM   523 H HH12 . ARG A 1 33 ? -0.142  12.131  -11.333 1.00 0.00 ? 33 ARG A HH12 1 
ATOM   524 H HH21 . ARG A 1 33 ? -2.896  14.067  -10.509 1.00 0.00 ? 33 ARG A HH21 1 
ATOM   525 H HH22 . ARG A 1 33 ? -1.166  13.978  -10.533 1.00 0.00 ? 33 ARG A HH22 1 
ATOM   526 N N    . GLN A 1 34 ? -2.067  6.881   -12.857 1.00 0.00 ? 34 GLN A N    1 
ATOM   527 C CA   . GLN A 1 34 ? -0.929  6.266   -13.579 1.00 0.00 ? 34 GLN A CA   1 
ATOM   528 C C    . GLN A 1 34 ? -1.268  4.811   -13.943 1.00 0.00 ? 34 GLN A C    1 
ATOM   529 O O    . GLN A 1 34 ? -0.582  4.180   -14.722 1.00 0.00 ? 34 GLN A O    1 
ATOM   530 C CB   . GLN A 1 34 ? 0.354   6.392   -12.729 1.00 0.00 ? 34 GLN A CB   1 
ATOM   531 C CG   . GLN A 1 34 ? 0.539   5.219   -11.758 1.00 0.00 ? 34 GLN A CG   1 
ATOM   532 C CD   . GLN A 1 34 ? -0.803  4.692   -11.268 1.00 0.00 ? 34 GLN A CD   1 
ATOM   533 O OE1  . GLN A 1 34 ? -1.116  3.549   -11.496 1.00 0.00 ? 34 GLN A OE1  1 
ATOM   534 N NE2  . GLN A 1 34 ? -1.609  5.468   -10.603 1.00 0.00 ? 34 GLN A NE2  1 
ATOM   535 H H    . GLN A 1 34 ? -1.942  7.234   -11.958 1.00 0.00 ? 34 GLN A H    1 
ATOM   536 H HA   . GLN A 1 34 ? -0.786  6.817   -14.494 1.00 0.00 ? 34 GLN A HA   1 
ATOM   537 H HB2  . GLN A 1 34 ? 1.206   6.434   -13.391 1.00 0.00 ? 34 GLN A HB2  1 
ATOM   538 H HB3  . GLN A 1 34 ? 0.306   7.311   -12.164 1.00 0.00 ? 34 GLN A HB3  1 
ATOM   539 H HG2  . GLN A 1 34 ? 1.070   4.426   -12.259 1.00 0.00 ? 34 GLN A HG2  1 
ATOM   540 H HG3  . GLN A 1 34 ? 1.117   5.555   -10.911 1.00 0.00 ? 34 GLN A HG3  1 
ATOM   541 H HE21 . GLN A 1 34 ? -1.356  6.397   -10.414 1.00 0.00 ? 34 GLN A HE21 1 
ATOM   542 H HE22 . GLN A 1 34 ? -2.475  5.124   -10.293 1.00 0.00 ? 34 GLN A HE22 1 
ATOM   543 N N    . ARG A 1 35 ? -2.343  4.287   -13.400 1.00 0.00 ? 35 ARG A N    1 
ATOM   544 C CA   . ARG A 1 35 ? -2.752  2.893   -13.727 1.00 0.00 ? 35 ARG A CA   1 
ATOM   545 C C    . ARG A 1 35 ? -1.643  1.909   -13.370 1.00 0.00 ? 35 ARG A C    1 
ATOM   546 O O    . ARG A 1 35 ? -0.480  2.253   -13.311 1.00 0.00 ? 35 ARG A O    1 
ATOM   547 C CB   . ARG A 1 35 ? -3.042  2.784   -15.224 1.00 0.00 ? 35 ARG A CB   1 
ATOM   548 C CG   . ARG A 1 35 ? -4.432  3.334   -15.533 1.00 0.00 ? 35 ARG A CG   1 
ATOM   549 C CD   . ARG A 1 35 ? -5.449  2.714   -14.580 1.00 0.00 ? 35 ARG A CD   1 
ATOM   550 N NE   . ARG A 1 35 ? -5.726  3.686   -13.491 1.00 0.00 ? 35 ARG A NE   1 
ATOM   551 C CZ   . ARG A 1 35 ? -6.956  4.039   -13.222 1.00 0.00 ? 35 ARG A CZ   1 
ATOM   552 N NH1  . ARG A 1 35 ? -7.553  4.935   -13.958 1.00 0.00 ? 35 ARG A NH1  1 
ATOM   553 N NH2  . ARG A 1 35 ? -7.586  3.502   -12.214 1.00 0.00 ? 35 ARG A NH2  1 
ATOM   554 H H    . ARG A 1 35 ? -2.891  4.815   -12.783 1.00 0.00 ? 35 ARG A H    1 
ATOM   555 H HA   . ARG A 1 35 ? -3.640  2.642   -13.170 1.00 0.00 ? 35 ARG A HA   1 
ATOM   556 H HB2  . ARG A 1 35 ? -2.305  3.351   -15.770 1.00 0.00 ? 35 ARG A HB2  1 
ATOM   557 H HB3  . ARG A 1 35 ? -2.995  1.748   -15.520 1.00 0.00 ? 35 ARG A HB3  1 
ATOM   558 H HG2  . ARG A 1 35 ? -4.428  4.408   -15.407 1.00 0.00 ? 35 ARG A HG2  1 
ATOM   559 H HG3  . ARG A 1 35 ? -4.697  3.091   -16.550 1.00 0.00 ? 35 ARG A HG3  1 
ATOM   560 H HD2  . ARG A 1 35 ? -6.360  2.491   -15.115 1.00 0.00 ? 35 ARG A HD2  1 
ATOM   561 H HD3  . ARG A 1 35 ? -5.042  1.805   -14.160 1.00 0.00 ? 35 ARG A HD3  1 
ATOM   562 H HE   . ARG A 1 35 ? -4.980  4.074   -12.985 1.00 0.00 ? 35 ARG A HE   1 
ATOM   563 H HH11 . ARG A 1 35 ? -7.072  5.349   -14.729 1.00 0.00 ? 35 ARG A HH11 1 
ATOM   564 H HH12 . ARG A 1 35 ? -8.493  5.208   -13.749 1.00 0.00 ? 35 ARG A HH12 1 
ATOM   565 H HH21 . ARG A 1 35 ? -7.129  2.821   -11.645 1.00 0.00 ? 35 ARG A HH21 1 
ATOM   566 H HH22 . ARG A 1 35 ? -8.527  3.772   -12.011 1.00 0.00 ? 35 ARG A HH22 1 
ATOM   567 N N    . TYR A 1 36 ? -2.004  0.678   -13.147 1.00 0.00 ? 36 TYR A N    1 
ATOM   568 C CA   . TYR A 1 36 ? -0.995  -0.348  -12.809 1.00 0.00 ? 36 TYR A CA   1 
ATOM   569 C C    . TYR A 1 36 ? 0.084   -0.352  -13.883 1.00 0.00 ? 36 TYR A C    1 
ATOM   570 O O    . TYR A 1 36 ? 1.209   0.034   -13.643 1.00 0.00 ? 36 TYR A O    1 
ATOM   571 C CB   . TYR A 1 36 ? -1.676  -1.713  -12.779 1.00 0.00 ? 36 TYR A CB   1 
ATOM   572 C CG   . TYR A 1 36 ? -1.121  -2.531  -11.636 1.00 0.00 ? 36 TYR A CG   1 
ATOM   573 C CD1  . TYR A 1 36 ? -1.012  -1.969  -10.359 1.00 0.00 ? 36 TYR A CD1  1 
ATOM   574 C CD2  . TYR A 1 36 ? -0.711  -3.852  -11.857 1.00 0.00 ? 36 TYR A CD2  1 
ATOM   575 C CE1  . TYR A 1 36 ? -0.494  -2.728  -9.301  1.00 0.00 ? 36 TYR A CE1  1 
ATOM   576 C CE2  . TYR A 1 36 ? -0.193  -4.610  -10.800 1.00 0.00 ? 36 TYR A CE2  1 
ATOM   577 C CZ   . TYR A 1 36 ? -0.084  -4.048  -9.521  1.00 0.00 ? 36 TYR A CZ   1 
ATOM   578 O OH   . TYR A 1 36 ? 0.427   -4.794  -8.478  1.00 0.00 ? 36 TYR A OH   1 
ATOM   579 H H    . TYR A 1 36 ? -2.944  0.428   -13.213 1.00 0.00 ? 36 TYR A H    1 
ATOM   580 H HA   . TYR A 1 36 ? -0.563  -0.133  -11.848 1.00 0.00 ? 36 TYR A HA   1 
ATOM   581 H HB2  . TYR A 1 36 ? -2.738  -1.576  -12.651 1.00 0.00 ? 36 TYR A HB2  1 
ATOM   582 H HB3  . TYR A 1 36 ? -1.494  -2.224  -13.712 1.00 0.00 ? 36 TYR A HB3  1 
ATOM   583 H HD1  . TYR A 1 36 ? -1.328  -0.951  -10.188 1.00 0.00 ? 36 TYR A HD1  1 
ATOM   584 H HD2  . TYR A 1 36 ? -0.795  -4.286  -12.843 1.00 0.00 ? 36 TYR A HD2  1 
ATOM   585 H HE1  . TYR A 1 36 ? -0.411  -2.294  -8.316  1.00 0.00 ? 36 TYR A HE1  1 
ATOM   586 H HE2  . TYR A 1 36 ? 0.124   -5.629  -10.970 1.00 0.00 ? 36 TYR A HE2  1 
ATOM   587 H HH   . TYR A 1 36 ? -0.228  -5.453  -8.236  1.00 0.00 ? 36 TYR A HH   1 
HETATM 588 N N    . NH2 A 1 37 ? -0.228  -0.769  -15.076 1.00 0.00 ? 37 NH2 A N    1 
HETATM 589 H HN1  . NH2 A 1 37 ? -1.141  -1.080  -15.260 1.00 0.00 ? 37 NH2 A HN1  1 
HETATM 590 H HN2  . NH2 A 1 37 ? 0.443   -0.769  -15.786 1.00 0.00 ? 37 NH2 A HN2  1 
# 
